data_4X9F
#
_entry.id   4X9F
#
_cell.length_a   63.686
_cell.length_b   90.500
_cell.length_c   169.601
_cell.angle_alpha   90.00
_cell.angle_beta   90.00
_cell.angle_gamma   90.00
#
_symmetry.space_group_name_H-M   'P 21 21 21'
#
loop_
_entity.id
_entity.type
_entity.pdbx_description
1 polymer 'Down Syndrome Cell Adhesion Molecule isoform 6.9'
2 branched alpha-D-mannopyranose-(1-3)-[alpha-D-mannopyranose-(1-6)]beta-D-mannopyranose-(1-4)-2-acetamido-2-deoxy-beta-D-glucopyranose-(1-4)-2-acetamido-2-deoxy-beta-D-glucopyranose
3 branched beta-D-mannopyranose-(1-4)-2-acetamido-2-deoxy-beta-D-glucopyranose-(1-4)-2-acetamido-2-deoxy-beta-D-glucopyranose
4 non-polymer GLYCEROL
5 non-polymer 'SULFATE ION'
6 non-polymer '4-(2-HYDROXYETHYL)-1-PIPERAZINE ETHANESULFONIC ACID'
7 water water
#
_entity_poly.entity_id   1
_entity_poly.type   'polypeptide(L)'
_entity_poly.pdbx_seq_one_letter_code
;GGADQKGPVFLKEPTNRIDFSNSTGAEIECKASGNPMPEIIWIRSDGTAVGDVPGLRQISSDGKLVFPPFRAEDYRQEVH
AQVYACLARNQFGSIISRDVHVRAVVNQFYGADILMEYVIRGNAAVLKCSIPSFVADFVRVESWIDEEGTELRPSENYDG
KYLVLPSGELHIREVGPEDGYKSYQCRTKHRLTGETRLSATKGRLVITEPVGSVRPKVNPQDKHQFIDVELASSYSLLCM
AQSYPTPSFRWYKFIEGTTRKQAVVLNDRVKQVSGTLIIKDAVVEDSGKYLCVVNNSVGGESVETVLTVTAPLSAKIDPP
TQTVDFGRPAVFTCQYTGNPIKTVSWMKDGKAIGHSEPVLRIESVKKEDKGMYQCFVRNDQESAEASAELKLGG
;
_entity_poly.pdbx_strand_id   A,B
#
loop_
_chem_comp.id
_chem_comp.type
_chem_comp.name
_chem_comp.formula
BMA D-saccharide, beta linking beta-D-mannopyranose 'C6 H12 O6'
EPE non-polymer '4-(2-HYDROXYETHYL)-1-PIPERAZINE ETHANESULFONIC ACID' 'C8 H18 N2 O4 S'
GOL non-polymer GLYCEROL 'C3 H8 O3'
MAN D-saccharide, alpha linking alpha-D-mannopyranose 'C6 H12 O6'
NAG D-saccharide, beta linking 2-acetamido-2-deoxy-beta-D-glucopyranose 'C8 H15 N O6'
SO4 non-polymer 'SULFATE ION' 'O4 S -2'
#
# COMPACT_ATOMS: atom_id res chain seq x y z
N GLY A 1 46.40 -39.70 -6.21
CA GLY A 1 45.81 -39.48 -7.52
C GLY A 1 44.56 -40.32 -7.61
N GLY A 2 44.72 -41.61 -7.31
CA GLY A 2 43.60 -42.53 -7.24
C GLY A 2 42.97 -42.58 -5.86
N ALA A 3 43.69 -42.16 -4.83
CA ALA A 3 43.16 -42.21 -3.46
C ALA A 3 42.32 -40.96 -3.16
N ASP A 4 41.22 -41.14 -2.43
CA ASP A 4 40.36 -40.03 -2.02
C ASP A 4 39.86 -39.22 -3.23
N GLN A 5 39.28 -39.92 -4.20
CA GLN A 5 38.70 -39.27 -5.38
C GLN A 5 37.32 -38.71 -5.03
N LYS A 6 37.12 -37.44 -5.34
CA LYS A 6 35.87 -36.74 -4.99
C LYS A 6 35.29 -36.00 -6.19
N GLY A 7 33.97 -35.86 -6.19
CA GLY A 7 33.31 -34.96 -7.11
C GLY A 7 33.57 -33.53 -6.69
N PRO A 8 33.26 -32.57 -7.57
CA PRO A 8 33.59 -31.17 -7.28
C PRO A 8 32.75 -30.55 -6.17
N VAL A 9 33.29 -29.54 -5.50
CA VAL A 9 32.56 -28.75 -4.51
C VAL A 9 33.07 -27.31 -4.55
N PHE A 10 32.18 -26.35 -4.40
CA PHE A 10 32.56 -24.95 -4.51
C PHE A 10 33.23 -24.42 -3.24
N LEU A 11 34.46 -23.94 -3.38
CA LEU A 11 35.13 -23.19 -2.31
C LEU A 11 34.69 -21.72 -2.30
N LYS A 12 34.59 -21.11 -3.48
CA LYS A 12 34.26 -19.69 -3.61
C LYS A 12 33.27 -19.48 -4.75
N GLU A 13 32.17 -18.79 -4.45
CA GLU A 13 31.17 -18.44 -5.45
C GLU A 13 31.05 -16.93 -5.54
N PRO A 14 30.73 -16.41 -6.74
CA PRO A 14 30.45 -14.97 -6.82
C PRO A 14 29.16 -14.62 -6.09
N THR A 15 29.02 -13.36 -5.69
CA THR A 15 27.80 -12.90 -5.03
C THR A 15 26.65 -12.87 -6.03
N ASN A 16 25.42 -12.86 -5.50
CA ASN A 16 24.23 -12.83 -6.35
C ASN A 16 24.19 -11.63 -7.28
N ARG A 17 24.47 -10.45 -6.74
CA ARG A 17 24.32 -9.20 -7.48
C ARG A 17 25.66 -8.54 -7.75
N ILE A 18 26.02 -8.43 -9.03
CA ILE A 18 27.18 -7.65 -9.42
C ILE A 18 26.72 -6.42 -10.18
N ASP A 19 26.81 -5.27 -9.52
CA ASP A 19 26.41 -4.00 -10.10
C ASP A 19 27.63 -3.09 -10.13
N PHE A 20 27.94 -2.54 -11.29
CA PHE A 20 29.12 -1.70 -11.41
C PHE A 20 29.01 -0.66 -12.51
N SER A 21 29.73 0.43 -12.33
CA SER A 21 29.79 1.49 -13.31
C SER A 21 30.66 1.07 -14.48
N ASN A 22 30.35 1.60 -15.67
CA ASN A 22 31.15 1.33 -16.85
C ASN A 22 32.57 1.85 -16.67
N SER A 23 32.75 2.83 -15.80
CA SER A 23 34.09 3.36 -15.52
C SER A 23 34.85 2.48 -14.55
N THR A 24 34.13 1.78 -13.68
CA THR A 24 34.75 0.90 -12.70
C THR A 24 35.14 -0.47 -13.25
N GLY A 25 34.26 -1.07 -14.05
CA GLY A 25 34.44 -2.45 -14.47
C GLY A 25 34.18 -3.39 -13.31
N ALA A 26 34.36 -4.68 -13.53
CA ALA A 26 34.11 -5.66 -12.48
C ALA A 26 34.91 -6.94 -12.66
N GLU A 27 35.11 -7.66 -11.56
CA GLU A 27 35.78 -8.94 -11.57
C GLU A 27 35.03 -9.92 -10.67
N ILE A 28 34.63 -11.05 -11.22
CA ILE A 28 34.02 -12.12 -10.42
C ILE A 28 34.93 -13.35 -10.46
N GLU A 29 34.87 -14.14 -9.39
CA GLU A 29 35.80 -15.26 -9.22
C GLU A 29 35.07 -16.52 -8.78
N CYS A 30 35.57 -17.67 -9.21
CA CYS A 30 35.01 -18.96 -8.84
C CYS A 30 36.12 -19.98 -8.56
N LYS A 31 36.04 -20.63 -7.41
CA LYS A 31 36.97 -21.70 -7.04
C LYS A 31 36.23 -22.94 -6.59
N ALA A 32 36.77 -24.11 -6.96
CA ALA A 32 36.19 -25.39 -6.56
C ALA A 32 37.30 -26.41 -6.40
N SER A 33 37.11 -27.33 -5.46
CA SER A 33 38.07 -28.42 -5.28
C SER A 33 37.53 -29.73 -5.83
N GLY A 34 38.36 -30.76 -5.82
CA GLY A 34 37.96 -32.10 -6.18
C GLY A 34 39.15 -32.94 -6.61
N ASN A 35 38.93 -34.24 -6.74
CA ASN A 35 39.97 -35.21 -7.10
C ASN A 35 39.49 -36.22 -8.14
N PRO A 36 39.71 -35.96 -9.45
CA PRO A 36 40.59 -34.95 -10.04
C PRO A 36 40.12 -33.52 -9.86
N MET A 37 41.05 -32.59 -9.98
CA MET A 37 40.73 -31.18 -9.83
C MET A 37 39.77 -30.77 -10.94
N PRO A 38 38.65 -30.09 -10.58
CA PRO A 38 37.65 -29.80 -11.61
C PRO A 38 38.06 -28.66 -12.53
N GLU A 39 37.58 -28.70 -13.77
CA GLU A 39 37.72 -27.57 -14.67
C GLU A 39 36.58 -26.59 -14.40
N ILE A 40 36.92 -25.30 -14.37
CA ILE A 40 35.94 -24.24 -14.14
C ILE A 40 35.53 -23.64 -15.48
N ILE A 41 34.22 -23.57 -15.71
CA ILE A 41 33.67 -23.01 -16.94
C ILE A 41 32.58 -22.00 -16.60
N TRP A 42 32.78 -20.75 -17.03
CA TRP A 42 31.74 -19.74 -16.90
C TRP A 42 30.66 -20.01 -17.95
N ILE A 43 29.41 -20.05 -17.52
CA ILE A 43 28.30 -20.39 -18.42
C ILE A 43 27.22 -19.32 -18.43
N ARG A 44 26.39 -19.38 -19.46
CA ARG A 44 25.28 -18.46 -19.63
C ARG A 44 24.03 -19.09 -19.01
N SER A 45 22.92 -18.36 -19.00
CA SER A 45 21.70 -18.86 -18.36
C SER A 45 21.16 -20.10 -19.05
N ASP A 46 21.45 -20.24 -20.34
CA ASP A 46 20.98 -21.38 -21.11
C ASP A 46 21.95 -22.56 -21.02
N GLY A 47 23.05 -22.39 -20.28
CA GLY A 47 23.98 -23.46 -20.02
C GLY A 47 25.20 -23.49 -20.93
N THR A 48 25.24 -22.61 -21.93
CA THR A 48 26.36 -22.57 -22.87
C THR A 48 27.55 -21.77 -22.32
N ALA A 49 28.75 -22.21 -22.66
CA ALA A 49 29.97 -21.53 -22.23
C ALA A 49 30.07 -20.14 -22.83
N VAL A 50 30.51 -19.19 -22.01
CA VAL A 50 30.73 -17.83 -22.50
C VAL A 50 32.20 -17.68 -22.88
N GLY A 51 32.45 -16.93 -23.96
CA GLY A 51 33.80 -16.66 -24.41
C GLY A 51 34.25 -15.24 -24.14
N ASP A 52 35.46 -14.93 -24.59
CA ASP A 52 36.00 -13.57 -24.49
C ASP A 52 35.28 -12.64 -25.45
N VAL A 53 34.99 -11.44 -24.98
CA VAL A 53 34.53 -10.35 -25.84
C VAL A 53 35.55 -9.21 -25.79
N PRO A 54 36.17 -8.86 -26.93
CA PRO A 54 37.25 -7.86 -26.89
C PRO A 54 36.88 -6.55 -26.18
N GLY A 55 37.71 -6.13 -25.24
CA GLY A 55 37.50 -4.90 -24.49
C GLY A 55 36.33 -4.91 -23.51
N LEU A 56 35.61 -6.03 -23.45
CA LEU A 56 34.34 -6.12 -22.71
C LEU A 56 34.33 -7.29 -21.73
N ARG A 57 34.49 -8.51 -22.24
CA ARG A 57 34.53 -9.71 -21.39
C ARG A 57 35.79 -10.54 -21.61
N GLN A 58 36.48 -10.87 -20.51
CA GLN A 58 37.74 -11.62 -20.57
C GLN A 58 37.77 -12.76 -19.55
N ILE A 59 38.03 -13.97 -20.03
CA ILE A 59 38.28 -15.11 -19.15
C ILE A 59 39.78 -15.24 -18.93
N SER A 60 40.18 -15.18 -17.66
CA SER A 60 41.60 -15.24 -17.31
C SER A 60 41.93 -16.45 -16.44
N SER A 61 43.20 -16.54 -16.05
CA SER A 61 43.67 -17.61 -15.18
C SER A 61 43.08 -17.45 -13.78
N ASP A 62 43.11 -18.54 -13.02
CA ASP A 62 42.53 -18.58 -11.68
C ASP A 62 41.01 -18.43 -11.72
N GLY A 63 40.42 -18.83 -12.85
CA GLY A 63 38.97 -18.84 -13.00
C GLY A 63 38.32 -17.52 -12.69
N LYS A 64 38.82 -16.45 -13.31
CA LYS A 64 38.26 -15.12 -13.13
C LYS A 64 37.62 -14.60 -14.41
N LEU A 65 36.37 -14.21 -14.33
CA LEU A 65 35.69 -13.54 -15.44
C LEU A 65 35.75 -12.04 -15.22
N VAL A 66 36.41 -11.35 -16.14
CA VAL A 66 36.68 -9.92 -16.02
C VAL A 66 35.87 -9.08 -16.99
N PHE A 67 35.34 -7.96 -16.48
CA PHE A 67 34.59 -7.00 -17.27
C PHE A 67 35.28 -5.64 -17.18
N PRO A 68 36.20 -5.36 -18.12
CA PRO A 68 36.96 -4.11 -18.03
C PRO A 68 36.07 -2.87 -18.16
N PRO A 69 36.59 -1.70 -17.72
CA PRO A 69 35.89 -0.44 -17.98
C PRO A 69 35.66 -0.23 -19.48
N PHE A 70 34.59 0.47 -19.84
CA PHE A 70 34.23 0.63 -21.24
C PHE A 70 33.46 1.92 -21.52
N ARG A 71 33.57 2.42 -22.76
CA ARG A 71 32.81 3.61 -23.19
C ARG A 71 31.33 3.31 -23.22
N ALA A 72 30.52 4.36 -23.10
CA ALA A 72 29.06 4.22 -23.07
C ALA A 72 28.55 3.52 -24.32
N GLU A 73 29.11 3.88 -25.47
CA GLU A 73 28.67 3.32 -26.75
C GLU A 73 29.10 1.86 -26.90
N ASP A 74 29.93 1.38 -25.98
CA ASP A 74 30.42 0.01 -26.01
C ASP A 74 29.50 -0.95 -25.26
N TYR A 75 28.47 -0.40 -24.62
CA TYR A 75 27.55 -1.23 -23.85
C TYR A 75 26.94 -2.31 -24.73
N ARG A 76 27.04 -3.55 -24.27
CA ARG A 76 26.42 -4.68 -24.95
C ARG A 76 25.60 -5.52 -23.97
N GLN A 77 24.34 -5.72 -24.32
CA GLN A 77 23.39 -6.38 -23.44
C GLN A 77 23.81 -7.83 -23.17
N GLU A 78 24.24 -8.52 -24.21
N GLU A 78 24.25 -8.54 -24.21
CA GLU A 78 24.63 -9.92 -24.08
CA GLU A 78 24.63 -9.94 -24.07
C GLU A 78 25.81 -10.10 -23.12
C GLU A 78 25.80 -10.10 -23.10
N VAL A 79 26.51 -9.01 -22.86
CA VAL A 79 27.64 -9.00 -21.94
C VAL A 79 27.21 -8.37 -20.62
N HIS A 80 26.82 -7.11 -20.70
CA HIS A 80 26.63 -6.27 -19.53
C HIS A 80 25.32 -6.43 -18.76
N ALA A 81 24.24 -6.87 -19.41
CA ALA A 81 23.07 -7.33 -18.68
C ALA A 81 22.88 -8.81 -18.93
N GLN A 82 23.27 -9.62 -17.95
CA GLN A 82 23.22 -11.06 -18.10
C GLN A 82 23.28 -11.76 -16.75
N VAL A 83 22.78 -12.98 -16.70
CA VAL A 83 22.94 -13.82 -15.54
C VAL A 83 23.99 -14.86 -15.87
N TYR A 84 25.11 -14.83 -15.15
CA TYR A 84 26.15 -15.84 -15.35
C TYR A 84 26.09 -16.89 -14.26
N ALA A 85 26.92 -17.92 -14.41
CA ALA A 85 27.07 -18.95 -13.40
C ALA A 85 28.40 -19.67 -13.61
N CYS A 86 28.88 -20.32 -12.56
CA CYS A 86 30.13 -21.06 -12.63
C CYS A 86 29.86 -22.56 -12.68
N LEU A 87 30.48 -23.23 -13.64
CA LEU A 87 30.37 -24.69 -13.77
C LEU A 87 31.70 -25.35 -13.41
N ALA A 88 31.68 -26.16 -12.36
CA ALA A 88 32.83 -26.98 -11.99
C ALA A 88 32.52 -28.43 -12.34
N ARG A 89 33.45 -29.10 -13.01
CA ARG A 89 33.21 -30.44 -13.51
C ARG A 89 34.46 -31.32 -13.49
N ASN A 90 34.27 -32.59 -13.14
CA ASN A 90 35.29 -33.62 -13.34
C ASN A 90 34.58 -34.90 -13.75
N GLN A 91 35.32 -36.00 -13.79
CA GLN A 91 34.77 -37.28 -14.24
C GLN A 91 33.52 -37.71 -13.44
N PHE A 92 33.43 -37.29 -12.19
CA PHE A 92 32.34 -37.75 -11.33
C PHE A 92 31.03 -36.98 -11.52
N GLY A 93 31.12 -35.78 -12.09
CA GLY A 93 29.91 -35.02 -12.35
C GLY A 93 30.12 -33.52 -12.38
N SER A 94 29.01 -32.80 -12.34
CA SER A 94 29.02 -31.35 -12.50
C SER A 94 28.16 -30.65 -11.46
N ILE A 95 28.61 -29.47 -11.05
CA ILE A 95 27.83 -28.62 -10.16
C ILE A 95 27.82 -27.20 -10.72
N ILE A 96 26.73 -26.48 -10.45
CA ILE A 96 26.59 -25.10 -10.90
C ILE A 96 26.43 -24.19 -9.69
N SER A 97 27.11 -23.06 -9.71
CA SER A 97 27.06 -22.12 -8.60
C SER A 97 25.72 -21.40 -8.56
N ARG A 98 25.55 -20.53 -7.59
CA ARG A 98 24.37 -19.68 -7.53
C ARG A 98 24.41 -18.69 -8.69
N ASP A 99 23.25 -18.16 -9.07
CA ASP A 99 23.16 -17.21 -10.17
C ASP A 99 23.95 -15.95 -9.87
N VAL A 100 24.71 -15.49 -10.85
CA VAL A 100 25.45 -14.24 -10.74
C VAL A 100 24.82 -13.22 -11.67
N HIS A 101 24.15 -12.21 -11.12
CA HIS A 101 23.49 -11.21 -11.93
C HIS A 101 24.43 -10.06 -12.19
N VAL A 102 24.88 -9.96 -13.43
CA VAL A 102 25.83 -8.93 -13.84
C VAL A 102 25.05 -7.82 -14.51
N ARG A 103 25.13 -6.63 -13.93
CA ARG A 103 24.52 -5.45 -14.51
C ARG A 103 25.51 -4.29 -14.49
N ALA A 104 25.88 -3.82 -15.67
CA ALA A 104 26.73 -2.66 -15.79
C ALA A 104 25.84 -1.44 -15.96
N VAL A 105 26.14 -0.38 -15.23
CA VAL A 105 25.37 0.85 -15.30
C VAL A 105 26.22 1.96 -15.90
N VAL A 106 25.86 2.38 -17.11
CA VAL A 106 26.50 3.51 -17.74
C VAL A 106 25.94 4.78 -17.11
N ASN A 107 26.83 5.66 -16.64
CA ASN A 107 26.44 6.82 -15.86
C ASN A 107 25.34 7.61 -16.55
N GLN A 108 24.27 7.91 -15.82
CA GLN A 108 23.04 8.39 -16.44
C GLN A 108 22.19 9.31 -15.55
N PHE A 109 21.07 9.73 -16.12
CA PHE A 109 20.11 10.64 -15.48
C PHE A 109 19.60 10.18 -14.13
N TYR A 110 19.67 11.07 -13.14
CA TYR A 110 18.82 10.96 -11.97
C TYR A 110 18.67 12.31 -11.29
N GLY A 111 17.62 12.45 -10.48
CA GLY A 111 17.42 13.64 -9.67
C GLY A 111 16.32 13.38 -8.66
N ALA A 112 16.35 14.12 -7.55
CA ALA A 112 15.41 13.91 -6.47
C ALA A 112 14.52 15.12 -6.30
N ASP A 113 13.26 14.86 -5.93
CA ASP A 113 12.30 15.93 -5.70
C ASP A 113 11.72 15.79 -4.29
N ILE A 114 11.36 16.92 -3.69
CA ILE A 114 10.83 16.92 -2.33
C ILE A 114 9.45 17.56 -2.32
N LEU A 115 8.46 16.76 -1.94
CA LEU A 115 7.09 17.23 -1.85
C LEU A 115 6.93 18.17 -0.68
N MET A 116 6.31 19.33 -0.92
CA MET A 116 5.99 20.28 0.13
C MET A 116 4.96 19.66 1.07
N GLU A 117 4.98 20.06 2.34
CA GLU A 117 4.10 19.46 3.35
C GLU A 117 3.42 20.50 4.25
N TYR A 118 2.08 20.46 4.26
CA TYR A 118 1.30 21.24 5.20
C TYR A 118 1.16 20.47 6.51
N VAL A 119 1.64 21.05 7.59
CA VAL A 119 1.63 20.39 8.89
C VAL A 119 0.98 21.26 9.97
N ILE A 120 0.15 20.65 10.79
CA ILE A 120 -0.50 21.36 11.90
C ILE A 120 0.52 21.59 13.01
N ARG A 121 0.49 22.78 13.60
CA ARG A 121 1.42 23.14 14.67
C ARG A 121 1.37 22.12 15.79
N GLY A 122 2.54 21.75 16.28
CA GLY A 122 2.68 20.82 17.38
C GLY A 122 2.82 19.38 16.93
N ASN A 123 2.36 19.08 15.72
CA ASN A 123 2.54 17.76 15.12
C ASN A 123 3.94 17.60 14.57
N ALA A 124 4.40 16.36 14.48
CA ALA A 124 5.67 16.07 13.85
C ALA A 124 5.53 16.12 12.33
N ALA A 125 6.64 16.43 11.65
CA ALA A 125 6.67 16.51 10.20
C ALA A 125 7.69 15.54 9.63
N VAL A 126 7.42 15.06 8.42
CA VAL A 126 8.33 14.17 7.72
C VAL A 126 8.51 14.63 6.28
N LEU A 127 9.74 14.99 5.92
CA LEU A 127 10.07 15.32 4.54
C LEU A 127 10.72 14.10 3.90
N LYS A 128 10.37 13.85 2.65
CA LYS A 128 10.84 12.67 1.94
C LYS A 128 11.58 13.06 0.67
N CYS A 129 12.72 12.43 0.45
CA CYS A 129 13.48 12.64 -0.77
C CYS A 129 13.02 11.57 -1.75
N SER A 130 12.30 11.99 -2.79
CA SER A 130 11.70 11.06 -3.74
C SER A 130 12.68 10.78 -4.86
N ILE A 131 12.99 9.50 -5.08
CA ILE A 131 14.00 9.11 -6.05
C ILE A 131 13.35 8.26 -7.13
N PRO A 132 13.77 8.43 -8.40
CA PRO A 132 13.15 7.67 -9.48
C PRO A 132 13.35 6.16 -9.32
N SER A 133 12.32 5.39 -9.65
CA SER A 133 12.32 3.96 -9.41
C SER A 133 13.47 3.23 -10.11
N PHE A 134 13.87 3.72 -11.29
CA PHE A 134 14.88 3.02 -12.07
C PHE A 134 16.32 3.30 -11.60
N VAL A 135 16.54 4.39 -10.85
CA VAL A 135 17.82 4.57 -10.17
C VAL A 135 17.83 4.21 -8.67
N ALA A 136 16.67 3.81 -8.14
CA ALA A 136 16.53 3.64 -6.69
C ALA A 136 17.44 2.55 -6.12
N ASP A 137 17.87 1.64 -6.97
CA ASP A 137 18.76 0.56 -6.54
C ASP A 137 20.12 1.10 -6.11
N PHE A 138 20.67 2.00 -6.90
CA PHE A 138 22.00 2.55 -6.62
C PHE A 138 22.02 3.91 -5.92
N VAL A 139 20.86 4.52 -5.71
CA VAL A 139 20.79 5.89 -5.19
C VAL A 139 19.96 5.96 -3.92
N ARG A 140 20.56 6.48 -2.86
CA ARG A 140 19.85 6.69 -1.60
C ARG A 140 20.25 7.99 -0.94
N VAL A 141 19.44 8.41 0.04
CA VAL A 141 19.72 9.64 0.77
C VAL A 141 20.91 9.48 1.69
N GLU A 142 21.93 10.32 1.50
CA GLU A 142 23.06 10.39 2.41
C GLU A 142 22.78 11.27 3.62
N SER A 143 22.17 12.43 3.38
CA SER A 143 21.97 13.42 4.43
C SER A 143 21.04 14.54 3.96
N TRP A 144 20.79 15.48 4.86
CA TRP A 144 19.94 16.64 4.57
C TRP A 144 20.67 17.93 4.91
N ILE A 145 20.26 19.00 4.23
CA ILE A 145 20.90 20.29 4.34
C ILE A 145 19.84 21.40 4.41
N ASP A 146 19.90 22.23 5.44
CA ASP A 146 18.95 23.32 5.59
C ASP A 146 19.41 24.55 4.79
N GLU A 147 18.64 25.64 4.83
CA GLU A 147 18.93 26.81 4.02
C GLU A 147 20.26 27.46 4.42
N GLU A 148 20.58 27.36 5.70
CA GLU A 148 21.86 27.86 6.21
C GLU A 148 22.97 26.87 5.87
N GLY A 149 22.56 25.69 5.42
CA GLY A 149 23.52 24.66 5.05
C GLY A 149 23.66 23.53 6.04
N THR A 150 23.29 23.76 7.29
CA THR A 150 23.69 22.87 8.36
C THR A 150 23.38 21.43 7.99
N GLU A 151 24.39 20.57 8.10
CA GLU A 151 24.28 19.20 7.62
C GLU A 151 23.65 18.30 8.67
N LEU A 152 22.60 17.61 8.26
CA LEU A 152 21.89 16.68 9.12
C LEU A 152 22.10 15.26 8.62
N ARG A 153 22.77 14.45 9.44
CA ARG A 153 23.04 13.06 9.09
C ARG A 153 22.39 12.12 10.11
N PRO A 154 22.15 10.86 9.71
CA PRO A 154 21.61 9.86 10.64
C PRO A 154 22.49 9.73 11.89
N SER A 155 21.87 9.47 13.04
CA SER A 155 22.63 9.26 14.27
C SER A 155 21.78 8.50 15.27
N GLU A 156 22.38 8.20 16.42
CA GLU A 156 21.68 7.50 17.49
C GLU A 156 21.15 8.46 18.54
N ASN A 157 21.31 9.77 18.31
CA ASN A 157 20.74 10.74 19.21
C ASN A 157 19.37 11.10 18.66
N TYR A 158 18.35 10.64 19.35
CA TYR A 158 16.96 10.84 18.95
C TYR A 158 16.31 11.99 19.71
N ASP A 159 17.07 12.60 20.60
CA ASP A 159 16.52 13.63 21.49
C ASP A 159 16.36 14.97 20.78
N GLY A 160 17.15 15.19 19.75
CA GLY A 160 17.10 16.45 19.01
C GLY A 160 15.80 16.60 18.25
N LYS A 161 15.54 17.82 17.78
CA LYS A 161 14.33 18.10 17.01
C LYS A 161 14.43 17.50 15.61
N TYR A 162 15.59 17.64 15.00
CA TYR A 162 15.81 17.16 13.63
C TYR A 162 16.51 15.82 13.65
N LEU A 163 15.90 14.84 12.97
CA LEU A 163 16.43 13.48 12.94
C LEU A 163 16.30 12.87 11.55
N VAL A 164 17.40 12.36 11.01
CA VAL A 164 17.37 11.65 9.75
C VAL A 164 17.15 10.17 10.02
N LEU A 165 16.06 9.62 9.52
CA LEU A 165 15.71 8.23 9.79
C LEU A 165 16.57 7.28 8.95
N PRO A 166 16.70 6.02 9.38
CA PRO A 166 17.46 5.01 8.63
C PRO A 166 17.01 4.90 7.18
N SER A 167 15.72 5.13 6.94
CA SER A 167 15.16 5.04 5.60
C SER A 167 15.46 6.29 4.76
N GLY A 168 15.96 7.34 5.42
CA GLY A 168 16.41 8.54 4.73
C GLY A 168 15.51 9.75 4.84
N GLU A 169 14.31 9.59 5.37
CA GLU A 169 13.41 10.73 5.55
C GLU A 169 13.94 11.66 6.64
N LEU A 170 13.60 12.95 6.53
CA LEU A 170 13.92 13.92 7.56
C LEU A 170 12.73 14.06 8.48
N HIS A 171 12.92 13.67 9.74
CA HIS A 171 11.87 13.72 10.75
C HIS A 171 12.06 14.94 11.64
N ILE A 172 10.99 15.72 11.82
CA ILE A 172 11.06 16.94 12.62
C ILE A 172 10.02 16.95 13.74
N ARG A 173 10.50 16.95 14.98
CA ARG A 173 9.64 17.00 16.17
C ARG A 173 8.81 18.27 16.25
N GLU A 174 7.55 18.13 16.67
CA GLU A 174 6.77 19.23 17.25
C GLU A 174 6.95 20.56 16.52
N VAL A 175 6.42 20.63 15.30
CA VAL A 175 6.64 21.79 14.45
C VAL A 175 6.04 23.05 15.08
N GLY A 176 6.59 24.19 14.71
CA GLY A 176 6.12 25.48 15.18
C GLY A 176 6.32 26.51 14.10
N PRO A 177 5.75 27.71 14.28
CA PRO A 177 5.72 28.73 13.21
C PRO A 177 7.09 29.03 12.61
N GLU A 178 8.15 28.90 13.40
CA GLU A 178 9.49 29.19 12.94
C GLU A 178 9.96 28.19 11.87
N ASP A 179 9.44 26.97 11.94
CA ASP A 179 9.85 25.92 11.01
C ASP A 179 9.39 26.20 9.58
N GLY A 180 8.44 27.12 9.43
CA GLY A 180 7.94 27.48 8.12
C GLY A 180 8.94 28.30 7.32
N TYR A 181 9.93 28.85 8.02
CA TYR A 181 10.94 29.68 7.38
C TYR A 181 12.20 28.90 7.01
N LYS A 182 12.21 27.61 7.34
CA LYS A 182 13.32 26.74 7.01
C LYS A 182 13.04 25.99 5.72
N SER A 183 14.08 25.76 4.93
CA SER A 183 13.98 24.93 3.74
C SER A 183 15.10 23.89 3.76
N TYR A 184 14.82 22.71 3.21
CA TYR A 184 15.76 21.60 3.27
C TYR A 184 16.01 20.97 1.90
N GLN A 185 17.26 20.58 1.67
CA GLN A 185 17.64 19.86 0.46
C GLN A 185 18.29 18.54 0.85
N CYS A 186 17.91 17.48 0.15
CA CYS A 186 18.46 16.16 0.42
C CYS A 186 19.68 15.88 -0.46
N ARG A 187 20.72 15.32 0.15
CA ARG A 187 21.90 14.88 -0.57
C ARG A 187 21.84 13.37 -0.76
N THR A 188 21.93 12.95 -2.02
CA THR A 188 21.86 11.54 -2.38
C THR A 188 23.23 11.10 -2.87
N LYS A 189 23.52 9.82 -2.69
CA LYS A 189 24.78 9.25 -3.12
C LYS A 189 24.55 8.04 -4.03
N HIS A 190 25.29 8.01 -5.14
CA HIS A 190 25.28 6.87 -6.06
C HIS A 190 26.38 5.91 -5.64
N ARG A 191 26.02 4.69 -5.27
CA ARG A 191 26.98 3.76 -4.68
C ARG A 191 27.94 3.19 -5.72
N LEU A 192 27.56 3.22 -6.99
CA LEU A 192 28.43 2.73 -8.06
C LEU A 192 29.52 3.74 -8.43
N THR A 193 29.15 5.01 -8.61
CA THR A 193 30.11 6.06 -8.92
C THR A 193 30.66 6.80 -7.71
N GLY A 194 30.05 6.59 -6.53
CA GLY A 194 30.44 7.32 -5.34
C GLY A 194 30.11 8.81 -5.41
N GLU A 195 29.34 9.21 -6.41
CA GLU A 195 28.99 10.62 -6.62
C GLU A 195 27.86 11.07 -5.71
N THR A 196 27.95 12.31 -5.21
CA THR A 196 26.89 12.90 -4.41
C THR A 196 26.41 14.22 -5.03
N ARG A 197 25.12 14.49 -4.91
CA ARG A 197 24.57 15.76 -5.38
C ARG A 197 23.34 16.17 -4.56
N LEU A 198 23.13 17.48 -4.46
CA LEU A 198 21.96 18.02 -3.78
C LEU A 198 20.75 18.07 -4.69
N SER A 199 19.57 17.84 -4.12
CA SER A 199 18.34 18.00 -4.88
C SER A 199 18.18 19.46 -5.27
N ALA A 200 17.70 19.70 -6.49
CA ALA A 200 17.43 21.06 -6.94
C ALA A 200 16.24 21.63 -6.19
N THR A 201 15.35 20.75 -5.76
CA THR A 201 14.15 21.16 -5.02
C THR A 201 14.46 21.39 -3.55
N LYS A 202 13.76 22.36 -2.97
CA LYS A 202 13.89 22.67 -1.56
C LYS A 202 12.61 22.27 -0.82
N GLY A 203 12.73 21.34 0.13
CA GLY A 203 11.61 20.94 0.94
C GLY A 203 11.15 22.04 1.87
N ARG A 204 9.86 22.36 1.85
CA ARG A 204 9.30 23.40 2.68
C ARG A 204 8.19 22.85 3.57
N LEU A 205 7.92 23.56 4.67
CA LEU A 205 6.78 23.23 5.53
C LEU A 205 5.89 24.45 5.69
N VAL A 206 4.59 24.24 5.51
CA VAL A 206 3.60 25.27 5.79
C VAL A 206 2.90 24.89 7.09
N ILE A 207 3.12 25.71 8.12
CA ILE A 207 2.57 25.43 9.44
C ILE A 207 1.19 26.08 9.57
N THR A 208 0.19 25.25 9.87
CA THR A 208 -1.19 25.71 10.02
C THR A 208 -1.52 25.83 11.50
N GLU A 209 -2.34 26.82 11.83
CA GLU A 209 -2.67 27.12 13.21
C GLU A 209 -4.19 27.04 13.43
N PRO A 210 -4.74 25.82 13.40
CA PRO A 210 -6.19 25.66 13.60
C PRO A 210 -6.61 25.87 15.05
N VAL A 211 -7.80 26.44 15.22
CA VAL A 211 -8.42 26.58 16.54
C VAL A 211 -9.38 25.40 16.73
N GLY A 212 -10.39 25.33 15.87
CA GLY A 212 -11.29 24.21 15.84
C GLY A 212 -10.56 22.88 15.78
N SER A 213 -11.08 21.88 16.47
CA SER A 213 -10.43 20.58 16.56
C SER A 213 -10.45 19.83 15.24
N VAL A 214 -9.32 19.20 14.92
CA VAL A 214 -9.19 18.40 13.71
C VAL A 214 -8.89 16.96 14.12
N ARG A 215 -9.64 16.01 13.55
CA ARG A 215 -9.47 14.61 13.92
C ARG A 215 -8.32 13.98 13.14
N PRO A 216 -7.76 12.87 13.66
CA PRO A 216 -6.67 12.17 12.99
C PRO A 216 -7.06 11.72 11.59
N LYS A 217 -6.19 11.99 10.61
CA LYS A 217 -6.41 11.53 9.26
C LYS A 217 -5.10 11.03 8.66
N VAL A 218 -5.16 9.82 8.11
CA VAL A 218 -4.04 9.21 7.41
C VAL A 218 -4.38 9.14 5.93
N ASN A 219 -3.50 9.68 5.10
CA ASN A 219 -3.69 9.60 3.64
C ASN A 219 -3.76 8.13 3.22
N PRO A 220 -4.66 7.80 2.28
CA PRO A 220 -4.90 6.41 1.88
C PRO A 220 -3.61 5.63 1.57
N GLN A 221 -2.63 6.28 0.95
CA GLN A 221 -1.39 5.60 0.59
C GLN A 221 -0.54 5.26 1.81
N ASP A 222 -0.80 5.95 2.92
CA ASP A 222 -0.08 5.70 4.17
C ASP A 222 -0.80 4.73 5.09
N LYS A 223 -2.00 4.30 4.71
CA LYS A 223 -2.82 3.44 5.56
C LYS A 223 -2.21 2.04 5.67
N HIS A 224 -1.66 1.56 4.56
CA HIS A 224 -0.95 0.28 4.54
C HIS A 224 0.51 0.50 4.16
N GLN A 225 1.40 -0.16 4.88
CA GLN A 225 2.83 -0.02 4.63
C GLN A 225 3.52 -1.38 4.60
N PHE A 226 4.43 -1.53 3.65
CA PHE A 226 5.20 -2.77 3.51
C PHE A 226 6.68 -2.44 3.49
N ILE A 227 7.39 -2.90 4.52
CA ILE A 227 8.79 -2.55 4.72
C ILE A 227 9.67 -3.79 4.69
N ASP A 228 10.74 -3.72 3.90
CA ASP A 228 11.75 -4.77 3.88
C ASP A 228 13.05 -4.21 4.43
N VAL A 229 13.70 -4.96 5.31
CA VAL A 229 14.95 -4.53 5.92
C VAL A 229 15.91 -5.70 6.07
N GLU A 230 17.20 -5.42 5.89
CA GLU A 230 18.21 -6.46 6.01
C GLU A 230 18.52 -6.77 7.47
N LEU A 231 18.82 -8.03 7.75
CA LEU A 231 19.18 -8.46 9.10
C LEU A 231 20.32 -7.61 9.64
N ALA A 232 20.25 -7.31 10.93
CA ALA A 232 21.30 -6.58 11.65
C ALA A 232 21.38 -5.09 11.29
N SER A 233 20.58 -4.64 10.33
CA SER A 233 20.58 -3.23 9.98
C SER A 233 19.58 -2.45 10.82
N SER A 234 19.52 -1.14 10.61
CA SER A 234 18.61 -0.26 11.33
C SER A 234 17.46 0.15 10.42
N TYR A 235 16.29 0.35 11.02
CA TYR A 235 15.10 0.70 10.24
C TYR A 235 14.07 1.44 11.08
N SER A 236 13.12 2.08 10.39
CA SER A 236 12.07 2.85 11.04
C SER A 236 10.70 2.50 10.48
N LEU A 237 9.68 2.60 11.33
CA LEU A 237 8.28 2.40 10.94
C LEU A 237 7.50 3.68 11.17
N LEU A 238 7.02 4.27 10.09
CA LEU A 238 6.27 5.52 10.14
C LEU A 238 4.79 5.29 10.44
N CYS A 239 4.19 6.22 11.18
CA CYS A 239 2.75 6.31 11.28
C CYS A 239 2.41 7.74 10.92
N MET A 240 1.78 7.97 9.76
CA MET A 240 1.65 9.34 9.27
C MET A 240 0.26 9.86 9.55
N ALA A 241 0.14 10.71 10.55
CA ALA A 241 -1.14 11.20 11.00
C ALA A 241 -1.01 12.59 11.61
N GLN A 242 -2.02 13.43 11.38
CA GLN A 242 -2.07 14.77 11.92
C GLN A 242 -3.40 15.02 12.59
N SER A 243 -3.39 15.66 13.74
CA SER A 243 -4.62 16.07 14.38
C SER A 243 -4.41 17.26 15.31
N TYR A 244 -5.48 18.02 15.55
CA TYR A 244 -5.50 19.02 16.61
C TYR A 244 -6.57 18.71 17.67
N PRO A 245 -6.17 18.47 18.93
CA PRO A 245 -4.81 18.48 19.49
C PRO A 245 -3.94 17.36 18.91
N THR A 246 -2.64 17.48 19.10
CA THR A 246 -1.70 16.47 18.62
C THR A 246 -2.07 15.11 19.21
N PRO A 247 -2.09 14.06 18.38
CA PRO A 247 -2.59 12.77 18.87
C PRO A 247 -1.54 11.98 19.65
N SER A 248 -1.95 10.82 20.15
CA SER A 248 -1.03 9.87 20.78
C SER A 248 -0.82 8.71 19.82
N PHE A 249 0.37 8.11 19.85
CA PHE A 249 0.69 6.98 18.99
C PHE A 249 1.05 5.75 19.81
N ARG A 250 0.31 4.67 19.62
CA ARG A 250 0.58 3.40 20.30
C ARG A 250 0.84 2.32 19.27
N TRP A 251 1.98 1.66 19.41
CA TRP A 251 2.39 0.60 18.47
C TRP A 251 2.17 -0.79 19.06
N TYR A 252 1.53 -1.65 18.27
CA TYR A 252 1.30 -3.03 18.66
C TYR A 252 1.79 -3.99 17.56
N LYS A 253 2.11 -5.22 17.95
CA LYS A 253 2.43 -6.27 16.98
C LYS A 253 1.44 -7.41 17.12
N PHE A 254 0.81 -7.78 16.02
CA PHE A 254 -0.11 -8.91 16.01
C PHE A 254 0.64 -10.21 16.25
N ILE A 255 0.03 -11.11 17.02
CA ILE A 255 0.52 -12.46 17.13
C ILE A 255 0.19 -13.17 15.83
N GLU A 256 1.19 -13.82 15.23
CA GLU A 256 1.08 -14.34 13.88
C GLU A 256 -0.16 -15.21 13.68
N GLY A 257 -0.92 -14.90 12.63
CA GLY A 257 -2.09 -15.68 12.28
C GLY A 257 -3.26 -15.51 13.24
N THR A 258 -3.30 -14.38 13.94
CA THR A 258 -4.39 -14.11 14.88
C THR A 258 -4.76 -12.62 14.90
N THR A 259 -5.92 -12.32 15.45
CA THR A 259 -6.36 -10.93 15.60
C THR A 259 -5.86 -10.32 16.91
N ARG A 260 -5.26 -11.14 17.75
CA ARG A 260 -4.71 -10.66 19.02
C ARG A 260 -3.40 -9.91 18.79
N LYS A 261 -3.13 -8.93 19.64
CA LYS A 261 -1.94 -8.10 19.50
C LYS A 261 -1.33 -7.79 20.86
N GLN A 262 -0.01 -7.59 20.87
CA GLN A 262 0.71 -7.18 22.07
C GLN A 262 1.39 -5.84 21.82
N ALA A 263 1.43 -5.01 22.84
CA ALA A 263 2.09 -3.71 22.74
C ALA A 263 3.58 -3.90 22.51
N VAL A 264 4.15 -3.09 21.62
CA VAL A 264 5.58 -3.13 21.35
C VAL A 264 6.37 -2.56 22.52
N VAL A 265 7.33 -3.33 23.01
CA VAL A 265 8.15 -2.92 24.15
C VAL A 265 9.29 -2.02 23.70
N LEU A 266 9.37 -0.84 24.31
CA LEU A 266 10.43 0.12 24.02
C LEU A 266 11.63 -0.13 24.94
N ASN A 267 12.82 -0.13 24.35
CA ASN A 267 14.06 -0.44 25.06
C ASN A 267 15.25 0.19 24.36
N ASP A 268 16.46 -0.19 24.76
CA ASP A 268 17.67 0.29 24.12
C ASP A 268 17.67 0.07 22.61
N ARG A 269 17.14 -1.06 22.17
CA ARG A 269 17.09 -1.39 20.75
C ARG A 269 15.91 -0.71 20.03
N VAL A 270 14.76 -0.69 20.68
CA VAL A 270 13.53 -0.17 20.09
C VAL A 270 13.15 1.15 20.72
N LYS A 271 13.18 2.22 19.93
CA LYS A 271 12.86 3.56 20.40
C LYS A 271 11.65 4.12 19.65
N GLN A 272 10.95 5.06 20.27
CA GLN A 272 9.81 5.72 19.64
C GLN A 272 9.98 7.24 19.67
N VAL A 273 9.90 7.85 18.49
CA VAL A 273 9.94 9.31 18.35
C VAL A 273 8.63 9.76 17.72
N SER A 274 7.81 10.46 18.50
CA SER A 274 6.45 10.81 18.09
C SER A 274 5.71 9.55 17.64
N GLY A 275 5.30 9.49 16.38
CA GLY A 275 4.61 8.31 15.86
C GLY A 275 5.55 7.30 15.24
N THR A 276 6.84 7.62 15.19
CA THR A 276 7.79 6.79 14.47
C THR A 276 8.52 5.82 15.39
N LEU A 277 8.48 4.55 15.01
CA LEU A 277 9.25 3.51 15.68
C LEU A 277 10.62 3.39 15.01
N ILE A 278 11.69 3.54 15.79
CA ILE A 278 13.04 3.44 15.25
C ILE A 278 13.78 2.27 15.88
N ILE A 279 14.24 1.35 15.03
CA ILE A 279 14.83 0.10 15.48
C ILE A 279 16.19 -0.14 14.83
N LYS A 280 17.20 -0.32 15.68
CA LYS A 280 18.56 -0.59 15.23
C LYS A 280 18.89 -2.06 15.47
N ASP A 281 19.74 -2.62 14.62
CA ASP A 281 20.10 -4.04 14.70
C ASP A 281 18.88 -4.94 14.55
N ALA A 282 18.34 -4.98 13.33
CA ALA A 282 17.18 -5.79 13.00
C ALA A 282 17.43 -7.27 13.30
N VAL A 283 16.38 -7.97 13.75
CA VAL A 283 16.47 -9.39 14.08
C VAL A 283 15.35 -10.12 13.36
N VAL A 284 15.54 -11.43 13.15
CA VAL A 284 14.57 -12.25 12.43
C VAL A 284 13.17 -12.20 13.06
N GLU A 285 13.11 -12.09 14.38
CA GLU A 285 11.83 -12.14 15.08
C GLU A 285 11.01 -10.87 14.89
N ASP A 286 11.66 -9.79 14.48
CA ASP A 286 10.96 -8.53 14.26
C ASP A 286 9.90 -8.68 13.16
N SER A 287 10.15 -9.59 12.23
CA SER A 287 9.22 -9.80 11.12
C SER A 287 7.82 -10.09 11.62
N GLY A 288 6.83 -9.50 10.95
CA GLY A 288 5.44 -9.72 11.31
C GLY A 288 4.55 -8.55 10.93
N LYS A 289 3.36 -8.52 11.49
CA LYS A 289 2.35 -7.51 11.21
C LYS A 289 2.21 -6.56 12.40
N TYR A 290 2.31 -5.26 12.13
CA TYR A 290 2.28 -4.24 13.16
C TYR A 290 1.06 -3.34 13.01
N LEU A 291 0.65 -2.74 14.12
CA LEU A 291 -0.47 -1.81 14.12
C LEU A 291 -0.12 -0.56 14.92
N CYS A 292 -0.29 0.60 14.31
CA CYS A 292 -0.13 1.88 14.98
C CYS A 292 -1.50 2.49 15.22
N VAL A 293 -1.86 2.67 16.49
CA VAL A 293 -3.16 3.25 16.84
C VAL A 293 -3.00 4.73 17.18
N VAL A 294 -3.74 5.57 16.47
CA VAL A 294 -3.68 7.02 16.64
C VAL A 294 -4.99 7.52 17.28
N ASN A 295 -4.86 8.35 18.31
CA ASN A 295 -6.03 8.84 19.03
C ASN A 295 -5.92 10.31 19.47
N ASN A 296 -7.01 11.04 19.30
CA ASN A 296 -7.20 12.30 20.02
C ASN A 296 -8.67 12.41 20.40
N SER A 297 -9.05 13.49 21.07
CA SER A 297 -10.39 13.58 21.66
C SER A 297 -11.51 13.45 20.62
N VAL A 298 -11.32 14.05 19.46
CA VAL A 298 -12.38 14.08 18.45
C VAL A 298 -12.49 12.79 17.63
N GLY A 299 -11.36 12.10 17.42
CA GLY A 299 -11.37 10.91 16.58
C GLY A 299 -10.17 10.01 16.74
N GLY A 300 -10.10 8.97 15.92
CA GLY A 300 -9.03 7.99 16.00
C GLY A 300 -8.71 7.43 14.63
N GLU A 301 -7.55 6.79 14.51
CA GLU A 301 -7.07 6.30 13.23
C GLU A 301 -6.04 5.19 13.43
N SER A 302 -5.77 4.42 12.39
CA SER A 302 -4.82 3.31 12.48
C SER A 302 -4.00 3.13 11.20
N VAL A 303 -2.81 2.55 11.37
CA VAL A 303 -1.93 2.21 10.26
C VAL A 303 -1.46 0.78 10.41
N GLU A 304 -1.57 0.00 9.34
CA GLU A 304 -1.14 -1.39 9.33
C GLU A 304 0.19 -1.52 8.60
N THR A 305 1.15 -2.17 9.23
CA THR A 305 2.48 -2.34 8.65
C THR A 305 2.93 -3.80 8.67
N VAL A 306 3.28 -4.31 7.49
CA VAL A 306 3.85 -5.65 7.38
C VAL A 306 5.35 -5.53 7.19
N LEU A 307 6.09 -6.01 8.18
CA LEU A 307 7.56 -5.93 8.18
C LEU A 307 8.17 -7.27 7.78
N THR A 308 9.19 -7.23 6.94
CA THR A 308 9.91 -8.42 6.54
C THR A 308 11.41 -8.18 6.76
N VAL A 309 12.00 -8.96 7.66
CA VAL A 309 13.44 -8.88 7.88
C VAL A 309 14.10 -9.94 7.02
N THR A 310 14.84 -9.49 6.01
CA THR A 310 15.50 -10.39 5.09
C THR A 310 16.83 -10.86 5.66
N ALA A 311 17.13 -12.13 5.50
CA ALA A 311 18.40 -12.71 5.93
C ALA A 311 19.04 -13.47 4.77
N PRO A 312 20.38 -13.43 4.67
CA PRO A 312 21.07 -14.10 3.56
C PRO A 312 20.73 -15.59 3.45
N LEU A 313 20.55 -16.08 2.23
CA LEU A 313 20.21 -17.49 2.00
C LEU A 313 21.44 -18.38 2.07
N SER A 314 21.28 -19.53 2.72
CA SER A 314 22.34 -20.52 2.84
C SER A 314 21.75 -21.91 2.74
N ALA A 315 22.50 -22.85 2.19
CA ALA A 315 21.99 -24.20 1.97
C ALA A 315 23.07 -25.25 2.24
N LYS A 316 22.63 -26.42 2.69
CA LYS A 316 23.52 -27.53 2.97
C LYS A 316 22.78 -28.84 2.72
N ILE A 317 23.49 -29.84 2.21
CA ILE A 317 22.89 -31.15 1.96
C ILE A 317 23.44 -32.20 2.92
N ASP A 318 22.53 -32.97 3.50
CA ASP A 318 22.88 -34.10 4.34
C ASP A 318 22.48 -35.41 3.66
N PRO A 319 23.44 -36.33 3.45
CA PRO A 319 24.88 -36.24 3.66
C PRO A 319 25.58 -35.53 2.51
N PRO A 320 26.78 -34.96 2.76
CA PRO A 320 27.55 -34.39 1.65
C PRO A 320 27.97 -35.46 0.66
N THR A 321 28.16 -36.68 1.15
CA THR A 321 28.43 -37.82 0.28
C THR A 321 27.93 -39.11 0.91
N GLN A 322 27.50 -40.04 0.07
CA GLN A 322 27.08 -41.36 0.54
C GLN A 322 27.29 -42.41 -0.54
N THR A 323 27.45 -43.67 -0.10
CA THR A 323 27.58 -44.80 -1.00
C THR A 323 26.39 -45.74 -0.81
N VAL A 324 25.62 -45.92 -1.88
CA VAL A 324 24.38 -46.69 -1.82
C VAL A 324 24.45 -47.93 -2.72
N ASP A 325 24.04 -49.07 -2.17
CA ASP A 325 24.03 -50.33 -2.92
C ASP A 325 22.95 -50.30 -3.99
N PHE A 326 23.16 -51.07 -5.06
CA PHE A 326 22.20 -51.17 -6.15
C PHE A 326 20.87 -51.68 -5.63
N GLY A 327 19.78 -51.04 -6.06
CA GLY A 327 18.45 -51.45 -5.68
C GLY A 327 17.96 -50.78 -4.42
N ARG A 328 18.89 -50.26 -3.62
CA ARG A 328 18.53 -49.59 -2.37
C ARG A 328 18.26 -48.11 -2.61
N PRO A 329 17.37 -47.50 -1.81
CA PRO A 329 17.03 -46.09 -2.01
C PRO A 329 18.10 -45.12 -1.51
N ALA A 330 18.17 -43.96 -2.14
CA ALA A 330 19.09 -42.90 -1.73
C ALA A 330 18.29 -41.62 -1.47
N VAL A 331 18.54 -41.00 -0.33
CA VAL A 331 17.80 -39.79 0.07
C VAL A 331 18.75 -38.64 0.33
N PHE A 332 18.41 -37.49 -0.23
CA PHE A 332 19.14 -36.25 0.01
C PHE A 332 18.23 -35.21 0.66
N THR A 333 18.70 -34.62 1.76
CA THR A 333 17.93 -33.62 2.48
C THR A 333 18.62 -32.27 2.41
N CYS A 334 17.91 -31.27 1.93
CA CYS A 334 18.45 -29.92 1.82
C CYS A 334 18.10 -29.11 3.06
N GLN A 335 19.11 -28.77 3.84
CA GLN A 335 18.95 -27.91 5.01
C GLN A 335 19.33 -26.49 4.62
N TYR A 336 18.44 -25.54 4.90
CA TYR A 336 18.66 -24.16 4.48
C TYR A 336 18.25 -23.15 5.55
N THR A 337 18.82 -21.96 5.43
CA THR A 337 18.47 -20.85 6.30
C THR A 337 18.30 -19.60 5.46
N GLY A 338 17.96 -18.49 6.10
CA GLY A 338 17.72 -17.24 5.41
C GLY A 338 16.24 -16.94 5.27
N ASN A 339 15.93 -15.67 5.03
CA ASN A 339 14.55 -15.25 4.89
C ASN A 339 14.38 -14.15 3.82
N PRO A 340 13.28 -14.17 3.06
CA PRO A 340 12.26 -15.22 2.93
C PRO A 340 12.75 -16.37 2.05
N ILE A 341 12.09 -17.52 2.14
CA ILE A 341 12.36 -18.65 1.24
C ILE A 341 11.20 -18.84 0.29
N LYS A 342 11.44 -18.64 -1.00
CA LYS A 342 10.41 -18.85 -2.01
C LYS A 342 10.39 -20.31 -2.46
N THR A 343 11.49 -20.75 -3.07
CA THR A 343 11.56 -22.11 -3.62
C THR A 343 12.79 -22.90 -3.19
N VAL A 344 12.62 -24.22 -3.26
CA VAL A 344 13.71 -25.17 -3.13
C VAL A 344 13.63 -26.12 -4.31
N SER A 345 14.71 -26.24 -5.07
CA SER A 345 14.71 -27.08 -6.27
C SER A 345 15.99 -27.91 -6.35
N TRP A 346 15.90 -29.04 -7.04
CA TRP A 346 16.99 -29.99 -7.11
C TRP A 346 17.55 -30.13 -8.52
N MET A 347 18.82 -30.52 -8.59
CA MET A 347 19.53 -30.64 -9.86
C MET A 347 20.50 -31.80 -9.79
N LYS A 348 20.73 -32.46 -10.93
CA LYS A 348 21.74 -33.50 -11.04
C LYS A 348 22.66 -33.24 -12.23
N ASP A 349 23.95 -33.07 -11.94
CA ASP A 349 24.95 -32.81 -12.97
C ASP A 349 24.49 -31.68 -13.91
N GLY A 350 24.01 -30.58 -13.32
CA GLY A 350 23.66 -29.40 -14.08
C GLY A 350 22.33 -29.47 -14.81
N LYS A 351 21.51 -30.47 -14.48
CA LYS A 351 20.20 -30.65 -15.10
C LYS A 351 19.09 -30.63 -14.05
N ALA A 352 18.12 -29.74 -14.22
CA ALA A 352 16.99 -29.67 -13.30
C ALA A 352 16.18 -30.96 -13.39
N ILE A 353 15.95 -31.60 -12.25
CA ILE A 353 15.26 -32.88 -12.20
C ILE A 353 13.76 -32.78 -11.89
N GLY A 354 13.26 -31.57 -11.66
CA GLY A 354 11.84 -31.36 -11.46
C GLY A 354 11.28 -31.82 -10.12
N HIS A 355 11.99 -31.52 -9.03
CA HIS A 355 11.50 -31.82 -7.69
C HIS A 355 11.68 -30.61 -6.77
N SER A 356 10.56 -30.13 -6.23
CA SER A 356 10.48 -28.87 -5.49
C SER A 356 10.59 -28.96 -3.96
N GLU A 357 10.91 -30.13 -3.41
CA GLU A 357 10.85 -30.34 -1.96
C GLU A 357 12.25 -30.48 -1.37
N PRO A 358 12.42 -30.13 -0.08
CA PRO A 358 13.74 -30.20 0.57
C PRO A 358 14.31 -31.62 0.61
N VAL A 359 13.45 -32.62 0.38
CA VAL A 359 13.88 -34.01 0.38
C VAL A 359 13.79 -34.63 -1.02
N LEU A 360 14.94 -35.00 -1.55
CA LEU A 360 15.02 -35.71 -2.83
C LEU A 360 15.23 -37.20 -2.56
N ARG A 361 14.45 -38.04 -3.22
CA ARG A 361 14.51 -39.48 -3.02
C ARG A 361 14.66 -40.23 -4.33
N ILE A 362 15.64 -41.13 -4.38
CA ILE A 362 15.79 -42.08 -5.48
C ILE A 362 15.36 -43.46 -4.97
N GLU A 363 14.30 -44.01 -5.55
CA GLU A 363 13.73 -45.26 -5.08
C GLU A 363 14.70 -46.43 -5.17
N SER A 364 15.19 -46.69 -6.38
CA SER A 364 16.13 -47.78 -6.62
C SER A 364 17.37 -47.30 -7.35
N VAL A 365 18.51 -47.33 -6.68
CA VAL A 365 19.75 -46.81 -7.25
C VAL A 365 20.27 -47.72 -8.35
N LYS A 366 20.74 -47.10 -9.43
CA LYS A 366 21.30 -47.81 -10.57
C LYS A 366 22.56 -47.09 -11.03
N LYS A 367 23.21 -47.59 -12.08
CA LYS A 367 24.41 -46.97 -12.59
C LYS A 367 24.20 -45.49 -12.88
N GLU A 368 23.10 -45.19 -13.56
CA GLU A 368 22.83 -43.86 -14.07
C GLU A 368 22.64 -42.83 -12.95
N ASP A 369 22.32 -43.31 -11.74
CA ASP A 369 21.97 -42.44 -10.64
C ASP A 369 23.18 -41.81 -9.95
N LYS A 370 24.37 -42.40 -10.14
CA LYS A 370 25.56 -41.87 -9.49
C LYS A 370 25.93 -40.53 -10.14
N GLY A 371 26.47 -39.62 -9.34
CA GLY A 371 26.86 -38.31 -9.84
C GLY A 371 26.70 -37.24 -8.77
N MET A 372 26.73 -35.98 -9.20
CA MET A 372 26.58 -34.85 -8.29
C MET A 372 25.14 -34.37 -8.20
N TYR A 373 24.68 -34.10 -6.98
CA TYR A 373 23.34 -33.61 -6.74
C TYR A 373 23.38 -32.27 -6.04
N GLN A 374 22.51 -31.35 -6.45
CA GLN A 374 22.45 -30.02 -5.85
C GLN A 374 21.03 -29.65 -5.48
N CYS A 375 20.89 -28.86 -4.43
CA CYS A 375 19.63 -28.19 -4.13
C CYS A 375 19.87 -26.68 -4.19
N PHE A 376 18.91 -25.97 -4.79
CA PHE A 376 18.97 -24.51 -4.87
C PHE A 376 17.85 -23.88 -4.05
N VAL A 377 18.21 -22.92 -3.22
CA VAL A 377 17.25 -22.16 -2.42
C VAL A 377 17.21 -20.73 -2.96
N ARG A 378 16.02 -20.25 -3.29
CA ARG A 378 15.86 -18.95 -3.95
C ARG A 378 14.78 -18.06 -3.34
N ASN A 379 14.93 -16.76 -3.56
CA ASN A 379 13.85 -15.80 -3.32
C ASN A 379 13.96 -14.71 -4.39
N ASP A 380 13.21 -13.63 -4.24
CA ASP A 380 13.16 -12.59 -5.27
C ASP A 380 14.50 -11.87 -5.48
N GLN A 381 15.44 -12.09 -4.56
CA GLN A 381 16.73 -11.38 -4.54
C GLN A 381 17.91 -12.35 -4.66
N GLU A 382 18.01 -13.28 -3.72
CA GLU A 382 19.19 -14.12 -3.54
C GLU A 382 18.96 -15.56 -3.98
N SER A 383 20.05 -16.22 -4.37
CA SER A 383 20.06 -17.67 -4.59
C SER A 383 21.25 -18.30 -3.88
N ALA A 384 21.07 -19.52 -3.38
CA ALA A 384 22.14 -20.26 -2.72
C ALA A 384 22.09 -21.73 -3.13
N GLU A 385 23.26 -22.35 -3.28
CA GLU A 385 23.34 -23.75 -3.71
C GLU A 385 24.11 -24.59 -2.71
N ALA A 386 23.73 -25.88 -2.64
CA ALA A 386 24.47 -26.87 -1.89
C ALA A 386 24.70 -28.07 -2.80
N SER A 387 25.75 -28.84 -2.53
CA SER A 387 26.13 -29.97 -3.38
C SER A 387 26.44 -31.21 -2.58
N ALA A 388 26.13 -32.37 -3.16
CA ALA A 388 26.45 -33.66 -2.56
C ALA A 388 26.72 -34.68 -3.67
N GLU A 389 27.38 -35.78 -3.30
CA GLU A 389 27.77 -36.80 -4.26
C GLU A 389 27.19 -38.16 -3.90
N LEU A 390 26.68 -38.84 -4.92
CA LEU A 390 26.22 -40.22 -4.78
C LEU A 390 27.20 -41.18 -5.45
N LYS A 391 27.65 -42.17 -4.69
CA LYS A 391 28.54 -43.21 -5.20
C LYS A 391 27.84 -44.56 -5.14
N LEU A 392 28.27 -45.49 -6.00
CA LEU A 392 27.68 -46.82 -6.06
C LEU A 392 28.43 -47.79 -5.14
N GLY A 393 27.67 -48.61 -4.42
CA GLY A 393 28.24 -49.60 -3.52
C GLY A 393 28.16 -50.99 -4.10
N ASP B 4 -57.04 6.60 10.62
CA ASP B 4 -57.43 7.39 11.78
C ASP B 4 -56.45 7.21 12.93
N GLN B 5 -55.81 6.04 12.98
CA GLN B 5 -54.81 5.75 14.01
C GLN B 5 -53.61 5.03 13.42
N LYS B 6 -52.42 5.60 13.60
CA LYS B 6 -51.20 5.00 13.09
C LYS B 6 -49.99 5.35 13.95
N GLY B 7 -49.02 4.45 13.98
CA GLY B 7 -47.73 4.71 14.60
C GLY B 7 -46.86 5.50 13.63
N PRO B 8 -45.78 6.11 14.14
CA PRO B 8 -44.91 6.94 13.31
C PRO B 8 -44.10 6.14 12.29
N VAL B 9 -43.81 6.76 11.15
CA VAL B 9 -42.91 6.20 10.16
C VAL B 9 -42.19 7.34 9.44
N PHE B 10 -40.92 7.14 9.10
CA PHE B 10 -40.10 8.23 8.57
C PHE B 10 -40.28 8.44 7.07
N LEU B 11 -40.74 9.63 6.68
CA LEU B 11 -40.77 10.03 5.28
C LEU B 11 -39.40 10.51 4.79
N LYS B 12 -38.75 11.31 5.62
CA LYS B 12 -37.43 11.89 5.31
C LYS B 12 -36.48 11.68 6.48
N GLU B 13 -35.35 11.04 6.21
CA GLU B 13 -34.32 10.85 7.22
C GLU B 13 -33.05 11.60 6.83
N PRO B 14 -32.26 12.03 7.83
CA PRO B 14 -30.98 12.67 7.48
C PRO B 14 -30.00 11.64 6.95
N THR B 15 -28.95 12.09 6.25
CA THR B 15 -27.98 11.17 5.69
C THR B 15 -27.07 10.63 6.79
N ASN B 16 -26.14 9.76 6.42
CA ASN B 16 -25.23 9.18 7.40
C ASN B 16 -24.17 10.19 7.83
N ARG B 17 -23.72 10.98 6.88
CA ARG B 17 -22.64 11.95 7.11
C ARG B 17 -23.11 13.36 6.77
N ILE B 18 -22.85 14.29 7.68
CA ILE B 18 -23.00 15.71 7.38
C ILE B 18 -21.68 16.39 7.69
N ASP B 19 -21.02 16.87 6.64
CA ASP B 19 -19.80 17.63 6.78
C ASP B 19 -20.10 19.05 6.30
N PHE B 20 -19.66 20.05 7.06
CA PHE B 20 -19.91 21.43 6.65
C PHE B 20 -18.87 22.40 7.17
N SER B 21 -18.72 23.50 6.45
CA SER B 21 -17.80 24.56 6.83
C SER B 21 -18.41 25.45 7.90
N ASN B 22 -17.58 25.98 8.78
CA ASN B 22 -18.02 26.91 9.80
C ASN B 22 -18.62 28.18 9.18
N SER B 23 -18.27 28.43 7.92
CA SER B 23 -18.76 29.60 7.20
C SER B 23 -20.19 29.40 6.69
N THR B 24 -20.46 28.21 6.17
CA THR B 24 -21.78 27.89 5.63
C THR B 24 -22.82 27.48 6.68
N GLY B 25 -22.41 26.72 7.69
CA GLY B 25 -23.34 26.11 8.62
C GLY B 25 -24.00 24.89 7.97
N ALA B 26 -24.94 24.27 8.68
CA ALA B 26 -25.63 23.09 8.16
C ALA B 26 -27.03 22.93 8.76
N GLU B 27 -27.87 22.18 8.06
CA GLU B 27 -29.24 21.93 8.47
C GLU B 27 -29.63 20.47 8.21
N ILE B 28 -30.03 19.71 9.24
CA ILE B 28 -30.50 18.34 8.99
C ILE B 28 -32.00 18.25 9.23
N GLU B 29 -32.69 17.52 8.35
CA GLU B 29 -34.15 17.45 8.37
C GLU B 29 -34.62 16.04 8.72
N CYS B 30 -35.70 15.97 9.50
CA CYS B 30 -36.34 14.71 9.81
C CYS B 30 -37.86 14.86 9.73
N LYS B 31 -38.50 14.03 8.91
CA LYS B 31 -39.95 14.04 8.76
C LYS B 31 -40.53 12.65 8.95
N ALA B 32 -41.65 12.59 9.68
CA ALA B 32 -42.33 11.33 9.94
C ALA B 32 -43.84 11.49 9.81
N SER B 33 -44.50 10.46 9.30
CA SER B 33 -45.95 10.45 9.18
C SER B 33 -46.58 9.56 10.24
N GLY B 34 -47.64 10.06 10.87
CA GLY B 34 -48.42 9.26 11.78
C GLY B 34 -49.69 9.97 12.18
N ASN B 35 -50.68 9.17 12.58
CA ASN B 35 -51.93 9.71 13.10
C ASN B 35 -52.17 9.31 14.55
N PRO B 36 -52.17 10.27 15.48
CA PRO B 36 -51.94 11.72 15.33
C PRO B 36 -50.52 12.04 14.91
N MET B 37 -50.30 13.26 14.42
CA MET B 37 -48.99 13.69 13.96
C MET B 37 -47.94 13.49 15.05
N PRO B 38 -46.88 12.73 14.75
CA PRO B 38 -45.85 12.51 15.77
C PRO B 38 -44.99 13.74 16.02
N GLU B 39 -44.48 13.89 17.24
CA GLU B 39 -43.54 14.96 17.52
C GLU B 39 -42.13 14.50 17.18
N ILE B 40 -41.34 15.40 16.62
CA ILE B 40 -39.95 15.12 16.28
C ILE B 40 -39.03 15.64 17.36
N ILE B 41 -38.20 14.75 17.91
CA ILE B 41 -37.26 15.09 18.95
C ILE B 41 -35.85 14.69 18.52
N TRP B 42 -34.92 15.64 18.60
CA TRP B 42 -33.53 15.37 18.25
C TRP B 42 -32.75 14.83 19.46
N ILE B 43 -32.00 13.76 19.23
CA ILE B 43 -31.24 13.10 20.28
C ILE B 43 -29.80 12.82 19.86
N ARG B 44 -28.95 12.49 20.83
CA ARG B 44 -27.57 12.10 20.56
C ARG B 44 -27.47 10.60 20.31
N SER B 45 -26.24 10.12 20.16
CA SER B 45 -25.99 8.69 20.00
C SER B 45 -26.33 7.94 21.28
N ASP B 46 -26.03 8.56 22.42
CA ASP B 46 -26.29 7.94 23.72
C ASP B 46 -27.79 7.85 24.02
N GLY B 47 -28.59 8.52 23.19
CA GLY B 47 -30.05 8.46 23.31
C GLY B 47 -30.65 9.63 24.06
N THR B 48 -29.80 10.48 24.63
CA THR B 48 -30.28 11.64 25.38
C THR B 48 -30.74 12.74 24.43
N ALA B 49 -31.62 13.61 24.94
CA ALA B 49 -32.16 14.70 24.15
C ALA B 49 -31.15 15.83 24.01
N VAL B 50 -31.11 16.46 22.84
CA VAL B 50 -30.20 17.58 22.61
C VAL B 50 -30.90 18.91 22.91
N GLY B 51 -30.19 19.81 23.56
CA GLY B 51 -30.71 21.12 23.88
C GLY B 51 -30.16 22.18 22.92
N ASP B 52 -30.73 23.38 23.00
CA ASP B 52 -30.26 24.49 22.19
C ASP B 52 -28.96 25.06 22.73
N VAL B 53 -28.01 25.29 21.84
CA VAL B 53 -26.80 26.06 22.15
C VAL B 53 -26.82 27.34 21.30
N PRO B 54 -26.97 28.51 21.95
CA PRO B 54 -27.15 29.75 21.16
C PRO B 54 -26.04 29.99 20.12
N GLY B 55 -26.45 30.26 18.88
CA GLY B 55 -25.51 30.54 17.79
C GLY B 55 -24.86 29.31 17.18
N LEU B 56 -25.01 28.16 17.84
CA LEU B 56 -24.33 26.92 17.45
C LEU B 56 -25.34 25.83 17.06
N ARG B 57 -26.21 25.45 17.99
CA ARG B 57 -27.24 24.44 17.72
C ARG B 57 -28.66 24.95 17.99
N GLN B 58 -29.53 24.87 16.98
CA GLN B 58 -30.87 25.44 17.05
C GLN B 58 -31.91 24.58 16.34
N ILE B 59 -33.19 24.85 16.61
CA ILE B 59 -34.29 24.20 15.91
C ILE B 59 -35.02 25.22 15.03
N SER B 60 -35.17 24.90 13.75
CA SER B 60 -35.83 25.81 12.81
C SER B 60 -37.35 25.82 13.01
N SER B 61 -38.03 26.64 12.22
CA SER B 61 -39.48 26.80 12.33
C SER B 61 -40.21 25.50 12.00
N ASP B 62 -39.69 24.77 11.02
CA ASP B 62 -40.28 23.51 10.57
C ASP B 62 -39.68 22.30 11.28
N GLY B 63 -38.82 22.55 12.28
CA GLY B 63 -38.32 21.49 13.14
C GLY B 63 -37.06 20.78 12.68
N LYS B 64 -36.23 21.48 11.91
CA LYS B 64 -34.95 20.95 11.50
C LYS B 64 -33.88 21.39 12.50
N LEU B 65 -32.93 20.50 12.77
CA LEU B 65 -31.80 20.85 13.62
C LEU B 65 -30.84 21.71 12.81
N VAL B 66 -30.56 22.92 13.32
CA VAL B 66 -29.77 23.92 12.62
C VAL B 66 -28.41 24.15 13.27
N PHE B 67 -27.39 24.25 12.43
CA PHE B 67 -26.03 24.57 12.86
C PHE B 67 -25.59 25.84 12.15
N PRO B 68 -25.84 27.01 12.74
CA PRO B 68 -25.49 28.28 12.07
C PRO B 68 -24.00 28.43 11.85
N PRO B 69 -23.60 29.33 10.93
CA PRO B 69 -22.18 29.65 10.78
C PRO B 69 -21.60 30.16 12.08
N PHE B 70 -20.32 29.90 12.35
CA PHE B 70 -19.72 30.28 13.62
C PHE B 70 -18.23 30.62 13.50
N ARG B 71 -17.77 31.52 14.38
CA ARG B 71 -16.35 31.85 14.49
C ARG B 71 -15.56 30.64 14.94
N ALA B 72 -14.34 30.51 14.42
CA ALA B 72 -13.48 29.37 14.72
C ALA B 72 -13.28 29.20 16.23
N GLU B 73 -13.32 30.30 16.96
CA GLU B 73 -13.10 30.26 18.40
C GLU B 73 -14.34 29.74 19.13
N ASP B 74 -15.47 29.72 18.43
CA ASP B 74 -16.73 29.25 19.01
C ASP B 74 -16.94 27.76 18.77
N TYR B 75 -15.95 27.08 18.19
CA TYR B 75 -16.03 25.65 17.97
C TYR B 75 -16.22 24.89 19.29
N ARG B 76 -17.22 24.02 19.32
CA ARG B 76 -17.48 23.16 20.47
C ARG B 76 -17.74 21.72 20.03
N GLN B 77 -16.96 20.80 20.59
CA GLN B 77 -17.00 19.40 20.19
C GLN B 77 -18.36 18.75 20.43
N GLU B 78 -18.96 19.02 21.59
CA GLU B 78 -20.24 18.43 21.96
C GLU B 78 -21.30 18.71 20.89
N VAL B 79 -21.18 19.86 20.24
CA VAL B 79 -22.05 20.25 19.15
C VAL B 79 -21.49 19.78 17.82
N HIS B 80 -20.30 20.28 17.51
CA HIS B 80 -19.74 20.20 16.16
C HIS B 80 -19.10 18.87 15.78
N ALA B 81 -18.63 18.09 16.75
CA ALA B 81 -18.34 16.69 16.48
C ALA B 81 -19.27 15.82 17.32
N GLN B 82 -20.28 15.25 16.68
CA GLN B 82 -21.31 14.50 17.40
C GLN B 82 -22.08 13.59 16.46
N VAL B 83 -22.70 12.55 17.02
CA VAL B 83 -23.57 11.68 16.25
C VAL B 83 -24.98 11.90 16.76
N TYR B 84 -25.83 12.47 15.91
CA TYR B 84 -27.21 12.75 16.28
C TYR B 84 -28.16 11.70 15.72
N ALA B 85 -29.44 11.83 16.08
CA ALA B 85 -30.49 10.99 15.52
C ALA B 85 -31.83 11.70 15.70
N CYS B 86 -32.83 11.27 14.94
CA CYS B 86 -34.17 11.83 15.02
C CYS B 86 -35.11 10.83 15.68
N LEU B 87 -35.82 11.29 16.72
CA LEU B 87 -36.79 10.47 17.43
C LEU B 87 -38.21 10.97 17.13
N ALA B 88 -39.01 10.11 16.51
CA ALA B 88 -40.40 10.43 16.19
C ALA B 88 -41.33 9.56 17.02
N ARG B 89 -42.34 10.18 17.64
CA ARG B 89 -43.27 9.45 18.49
C ARG B 89 -44.66 10.06 18.55
N ASN B 90 -45.64 9.20 18.82
CA ASN B 90 -46.99 9.60 19.17
C ASN B 90 -47.48 8.65 20.25
N GLN B 91 -48.76 8.71 20.58
CA GLN B 91 -49.32 7.87 21.64
C GLN B 91 -49.11 6.38 21.40
N PHE B 92 -48.86 6.00 20.14
CA PHE B 92 -48.75 4.58 19.79
C PHE B 92 -47.34 4.00 19.89
N GLY B 93 -46.33 4.84 20.05
CA GLY B 93 -44.96 4.36 20.17
C GLY B 93 -43.90 5.33 19.68
N SER B 94 -42.69 4.81 19.48
CA SER B 94 -41.54 5.63 19.13
C SER B 94 -40.60 4.92 18.15
N ILE B 95 -39.96 5.72 17.29
CA ILE B 95 -38.97 5.21 16.36
C ILE B 95 -37.79 6.18 16.25
N ILE B 96 -36.60 5.64 16.07
CA ILE B 96 -35.39 6.46 15.93
C ILE B 96 -34.77 6.27 14.55
N SER B 97 -34.32 7.36 13.96
CA SER B 97 -33.73 7.32 12.63
C SER B 97 -32.33 6.73 12.67
N ARG B 98 -31.70 6.63 11.50
CA ARG B 98 -30.32 6.17 11.40
C ARG B 98 -29.40 7.22 12.01
N ASP B 99 -28.18 6.79 12.36
CA ASP B 99 -27.19 7.69 12.91
C ASP B 99 -26.84 8.79 11.91
N VAL B 100 -26.67 10.01 12.41
CA VAL B 100 -26.23 11.14 11.59
C VAL B 100 -24.92 11.66 12.14
N HIS B 101 -23.84 11.47 11.39
CA HIS B 101 -22.54 11.89 11.88
C HIS B 101 -22.31 13.32 11.42
N VAL B 102 -22.31 14.22 12.38
CA VAL B 102 -22.20 15.65 12.12
C VAL B 102 -20.79 16.10 12.46
N ARG B 103 -20.09 16.63 11.46
CA ARG B 103 -18.75 17.13 11.65
C ARG B 103 -18.60 18.52 11.03
N ALA B 104 -18.37 19.52 11.86
CA ALA B 104 -18.09 20.86 11.39
C ALA B 104 -16.60 20.96 11.13
N VAL B 105 -16.22 21.68 10.07
CA VAL B 105 -14.82 21.84 9.72
C VAL B 105 -14.49 23.30 9.56
N VAL B 106 -13.66 23.81 10.48
CA VAL B 106 -13.22 25.20 10.38
C VAL B 106 -12.32 25.35 9.17
N ASN B 107 -12.60 26.33 8.33
CA ASN B 107 -11.79 26.57 7.13
C ASN B 107 -10.33 26.71 7.51
N GLN B 108 -9.47 25.97 6.80
CA GLN B 108 -8.06 25.91 7.09
C GLN B 108 -7.25 26.18 5.82
N PHE B 109 -6.07 26.77 5.98
CA PHE B 109 -5.20 27.03 4.85
C PHE B 109 -4.66 25.72 4.29
N TYR B 110 -4.68 25.60 2.96
CA TYR B 110 -4.20 24.41 2.28
C TYR B 110 -3.72 24.75 0.88
N GLY B 111 -2.95 23.83 0.30
CA GLY B 111 -2.51 23.98 -1.08
C GLY B 111 -2.07 22.64 -1.63
N ALA B 112 -2.10 22.52 -2.95
CA ALA B 112 -1.73 21.27 -3.60
C ALA B 112 -0.31 21.38 -4.15
N ASP B 113 0.48 20.33 -3.94
CA ASP B 113 1.81 20.24 -4.52
C ASP B 113 1.83 19.08 -5.48
N ILE B 114 2.72 19.15 -6.47
CA ILE B 114 2.84 18.13 -7.51
C ILE B 114 4.28 17.69 -7.61
N LEU B 115 4.51 16.40 -7.42
CA LEU B 115 5.85 15.85 -7.49
C LEU B 115 6.30 15.76 -8.94
N MET B 116 7.50 16.27 -9.21
CA MET B 116 8.12 16.14 -10.52
C MET B 116 8.30 14.66 -10.85
N GLU B 117 7.95 14.27 -12.08
CA GLU B 117 7.96 12.86 -12.46
C GLU B 117 9.01 12.55 -13.52
N TYR B 118 10.00 11.75 -13.14
CA TYR B 118 11.02 11.27 -14.07
C TYR B 118 10.48 10.06 -14.82
N VAL B 119 10.50 10.13 -16.15
CA VAL B 119 9.91 9.10 -16.98
C VAL B 119 10.87 8.62 -18.06
N ILE B 120 10.92 7.31 -18.25
CA ILE B 120 11.69 6.73 -19.35
C ILE B 120 10.90 6.90 -20.63
N ARG B 121 11.58 7.32 -21.70
CA ARG B 121 10.92 7.61 -22.96
C ARG B 121 10.07 6.44 -23.45
N GLY B 122 8.83 6.73 -23.81
CA GLY B 122 7.90 5.74 -24.32
C GLY B 122 6.95 5.22 -23.26
N ASN B 123 7.33 5.37 -21.99
CA ASN B 123 6.48 4.92 -20.90
C ASN B 123 5.36 5.92 -20.62
N ALA B 124 4.24 5.41 -20.12
CA ALA B 124 3.17 6.29 -19.64
C ALA B 124 3.60 6.92 -18.33
N ALA B 125 2.99 8.04 -17.99
CA ALA B 125 3.29 8.74 -16.75
C ALA B 125 2.00 9.08 -16.03
N VAL B 126 2.09 9.18 -14.71
CA VAL B 126 0.96 9.57 -13.87
C VAL B 126 1.39 10.70 -12.96
N LEU B 127 0.75 11.86 -13.13
CA LEU B 127 0.96 13.00 -12.24
C LEU B 127 -0.16 13.03 -11.21
N LYS B 128 0.21 13.28 -9.96
CA LYS B 128 -0.75 13.24 -8.86
C LYS B 128 -0.78 14.57 -8.10
N CYS B 129 -1.99 14.99 -7.75
CA CYS B 129 -2.18 16.22 -7.01
C CYS B 129 -2.17 15.85 -5.53
N SER B 130 -1.11 16.26 -4.83
CA SER B 130 -0.94 15.89 -3.43
C SER B 130 -1.61 16.91 -2.54
N ILE B 131 -2.49 16.44 -1.67
CA ILE B 131 -3.33 17.33 -0.87
C ILE B 131 -3.12 17.03 0.62
N PRO B 132 -3.10 18.09 1.46
CA PRO B 132 -2.90 17.85 2.90
C PRO B 132 -3.98 16.96 3.47
N SER B 133 -3.61 16.17 4.49
CA SER B 133 -4.50 15.16 5.04
C SER B 133 -5.76 15.75 5.67
N PHE B 134 -5.65 16.94 6.28
CA PHE B 134 -6.78 17.50 7.00
C PHE B 134 -7.87 18.01 6.06
N VAL B 135 -7.52 18.38 4.83
CA VAL B 135 -8.53 18.69 3.82
C VAL B 135 -8.82 17.55 2.83
N ALA B 136 -8.16 16.40 2.99
CA ALA B 136 -8.20 15.33 1.99
C ALA B 136 -9.62 14.83 1.67
N ASP B 137 -10.48 14.77 2.68
CA ASP B 137 -11.85 14.30 2.46
C ASP B 137 -12.67 15.31 1.67
N PHE B 138 -12.40 16.59 1.87
CA PHE B 138 -13.21 17.65 1.27
C PHE B 138 -12.65 18.29 -0.02
N VAL B 139 -11.44 17.93 -0.42
CA VAL B 139 -10.80 18.55 -1.59
C VAL B 139 -10.35 17.49 -2.60
N ARG B 140 -10.70 17.69 -3.85
CA ARG B 140 -10.34 16.75 -4.91
C ARG B 140 -10.10 17.45 -6.25
N VAL B 141 -9.43 16.76 -7.15
CA VAL B 141 -9.11 17.32 -8.46
C VAL B 141 -10.30 17.19 -9.39
N GLU B 142 -10.82 18.31 -9.90
CA GLU B 142 -11.84 18.25 -10.95
C GLU B 142 -11.24 18.27 -12.37
N SER B 143 -9.99 18.70 -12.50
CA SER B 143 -9.35 18.80 -13.82
C SER B 143 -7.87 19.13 -13.73
N TRP B 144 -7.22 19.20 -14.89
CA TRP B 144 -5.83 19.60 -15.01
C TRP B 144 -5.69 20.66 -16.10
N ILE B 145 -4.69 21.53 -15.96
CA ILE B 145 -4.48 22.63 -16.89
C ILE B 145 -3.02 22.73 -17.32
N ASP B 146 -2.77 22.80 -18.62
CA ASP B 146 -1.40 22.89 -19.12
C ASP B 146 -0.91 24.34 -19.09
N GLU B 147 0.28 24.57 -19.65
CA GLU B 147 0.92 25.88 -19.58
C GLU B 147 0.17 26.93 -20.40
N GLU B 148 -0.64 26.47 -21.36
CA GLU B 148 -1.40 27.36 -22.23
C GLU B 148 -2.83 27.61 -21.72
N GLY B 149 -3.16 27.01 -20.59
CA GLY B 149 -4.48 27.17 -20.01
C GLY B 149 -5.53 26.24 -20.58
N THR B 150 -5.08 25.19 -21.28
CA THR B 150 -5.99 24.22 -21.85
C THR B 150 -6.49 23.27 -20.76
N GLU B 151 -7.80 23.19 -20.61
CA GLU B 151 -8.41 22.40 -19.56
C GLU B 151 -8.53 20.93 -19.95
N LEU B 152 -8.02 20.06 -19.07
CA LEU B 152 -8.14 18.63 -19.26
C LEU B 152 -9.14 18.09 -18.26
N ARG B 153 -10.25 17.54 -18.77
CA ARG B 153 -11.34 17.06 -17.92
C ARG B 153 -11.46 15.55 -18.05
N PRO B 154 -11.97 14.88 -16.99
CA PRO B 154 -12.21 13.45 -17.14
C PRO B 154 -13.25 13.19 -18.22
N SER B 155 -12.96 12.29 -19.15
CA SER B 155 -13.85 12.00 -20.26
C SER B 155 -13.97 10.50 -20.47
N GLU B 156 -14.82 10.12 -21.42
CA GLU B 156 -14.95 8.72 -21.80
C GLU B 156 -14.10 8.41 -23.02
N ASN B 157 -13.34 9.40 -23.50
CA ASN B 157 -12.41 9.16 -24.59
C ASN B 157 -11.05 8.85 -24.02
N TYR B 158 -10.67 7.58 -24.14
CA TYR B 158 -9.42 7.09 -23.57
C TYR B 158 -8.29 6.98 -24.60
N ASP B 159 -8.60 7.33 -25.85
CA ASP B 159 -7.65 7.15 -26.95
C ASP B 159 -6.64 8.30 -27.05
N GLY B 160 -6.95 9.41 -26.39
CA GLY B 160 -6.12 10.60 -26.47
C GLY B 160 -4.80 10.50 -25.72
N LYS B 161 -4.01 11.56 -25.81
CA LYS B 161 -2.75 11.65 -25.09
C LYS B 161 -2.99 11.71 -23.58
N TYR B 162 -3.91 12.57 -23.18
CA TYR B 162 -4.16 12.82 -21.76
C TYR B 162 -5.48 12.20 -21.31
N LEU B 163 -5.47 11.63 -20.11
CA LEU B 163 -6.68 11.11 -19.50
C LEU B 163 -6.69 11.42 -18.01
N VAL B 164 -7.77 12.04 -17.53
CA VAL B 164 -7.94 12.32 -16.11
C VAL B 164 -8.72 11.17 -15.46
N LEU B 165 -8.09 10.47 -14.53
CA LEU B 165 -8.70 9.31 -13.90
C LEU B 165 -9.70 9.73 -12.83
N PRO B 166 -10.64 8.83 -12.47
CA PRO B 166 -11.64 9.14 -11.44
C PRO B 166 -11.02 9.57 -10.11
N SER B 167 -9.90 8.96 -9.75
CA SER B 167 -9.21 9.30 -8.51
C SER B 167 -8.54 10.67 -8.61
N GLY B 168 -8.46 11.21 -9.83
CA GLY B 168 -7.99 12.57 -10.03
C GLY B 168 -6.57 12.71 -10.58
N GLU B 169 -5.88 11.59 -10.78
CA GLU B 169 -4.54 11.65 -11.35
C GLU B 169 -4.60 11.97 -12.85
N LEU B 170 -3.55 12.61 -13.35
CA LEU B 170 -3.43 12.87 -14.78
C LEU B 170 -2.60 11.78 -15.43
N HIS B 171 -3.24 10.97 -16.27
CA HIS B 171 -2.56 9.91 -16.98
C HIS B 171 -2.07 10.43 -18.33
N ILE B 172 -0.82 10.17 -18.63
CA ILE B 172 -0.21 10.64 -19.88
C ILE B 172 0.37 9.46 -20.65
N ARG B 173 -0.12 9.29 -21.88
CA ARG B 173 0.33 8.21 -22.75
C ARG B 173 1.71 8.50 -23.34
N GLU B 174 2.55 7.46 -23.38
CA GLU B 174 3.76 7.42 -24.21
C GLU B 174 4.55 8.73 -24.19
N VAL B 175 5.14 9.05 -23.06
CA VAL B 175 5.81 10.33 -22.90
C VAL B 175 7.08 10.40 -23.76
N GLY B 176 7.14 11.42 -24.62
CA GLY B 176 8.34 11.71 -25.39
C GLY B 176 9.07 12.93 -24.85
N PRO B 177 10.29 13.18 -25.34
CA PRO B 177 11.06 14.34 -24.88
C PRO B 177 10.40 15.66 -25.27
N GLU B 178 9.56 15.62 -26.30
CA GLU B 178 8.83 16.79 -26.73
C GLU B 178 7.80 17.24 -25.68
N ASP B 179 7.55 16.38 -24.70
CA ASP B 179 6.62 16.70 -23.61
C ASP B 179 7.33 17.39 -22.45
N GLY B 180 8.65 17.54 -22.56
CA GLY B 180 9.44 18.12 -21.49
C GLY B 180 9.09 19.57 -21.19
N TYR B 181 8.79 20.35 -22.23
CA TYR B 181 8.56 21.78 -22.05
C TYR B 181 7.22 22.09 -21.39
N LYS B 182 6.31 21.12 -21.41
CA LYS B 182 4.97 21.34 -20.87
C LYS B 182 4.97 21.37 -19.35
N SER B 183 3.92 21.98 -18.78
CA SER B 183 3.70 21.96 -17.34
C SER B 183 2.24 21.64 -17.09
N TYR B 184 1.93 21.13 -15.90
CA TYR B 184 0.56 20.74 -15.58
C TYR B 184 0.18 21.17 -14.17
N GLN B 185 -0.96 21.85 -14.08
CA GLN B 185 -1.48 22.32 -12.81
C GLN B 185 -2.86 21.70 -12.57
N CYS B 186 -3.12 21.30 -11.34
CA CYS B 186 -4.41 20.73 -10.99
C CYS B 186 -5.34 21.79 -10.42
N ARG B 187 -6.58 21.76 -10.86
CA ARG B 187 -7.63 22.61 -10.33
C ARG B 187 -8.46 21.78 -9.38
N THR B 188 -8.42 22.09 -8.08
CA THR B 188 -9.16 21.30 -7.11
C THR B 188 -10.49 21.94 -6.76
N LYS B 189 -11.29 21.22 -5.97
CA LYS B 189 -12.62 21.68 -5.59
C LYS B 189 -12.90 21.34 -4.13
N HIS B 190 -13.22 22.36 -3.34
CA HIS B 190 -13.58 22.15 -1.93
C HIS B 190 -15.10 22.01 -1.86
N ARG B 191 -15.58 20.83 -1.52
CA ARG B 191 -17.01 20.55 -1.58
C ARG B 191 -17.80 21.24 -0.46
N LEU B 192 -17.14 21.57 0.65
CA LEU B 192 -17.80 22.30 1.72
C LEU B 192 -17.92 23.80 1.43
N THR B 193 -16.83 24.44 1.00
CA THR B 193 -16.81 25.87 0.72
C THR B 193 -17.12 26.22 -0.73
N GLY B 194 -17.16 25.21 -1.60
CA GLY B 194 -17.38 25.43 -3.01
C GLY B 194 -16.22 26.10 -3.74
N GLU B 195 -15.14 26.37 -3.01
CA GLU B 195 -13.99 27.07 -3.60
C GLU B 195 -13.24 26.23 -4.62
N THR B 196 -13.03 26.82 -5.80
CA THR B 196 -12.16 26.24 -6.82
C THR B 196 -10.86 27.04 -6.82
N ARG B 197 -9.73 26.34 -6.77
N ARG B 197 -9.74 26.33 -6.85
CA ARG B 197 -8.43 27.02 -6.83
CA ARG B 197 -8.42 26.96 -6.76
C ARG B 197 -7.43 26.21 -7.64
C ARG B 197 -7.39 26.18 -7.59
N LEU B 198 -6.45 26.92 -8.19
CA LEU B 198 -5.42 26.31 -9.03
C LEU B 198 -4.09 26.18 -8.28
N SER B 199 -3.48 25.01 -8.37
CA SER B 199 -2.21 24.76 -7.70
C SER B 199 -1.14 25.73 -8.21
N ALA B 200 -0.41 26.33 -7.27
CA ALA B 200 0.69 27.21 -7.63
C ALA B 200 1.86 26.40 -8.19
N THR B 201 1.99 25.16 -7.71
CA THR B 201 3.00 24.25 -8.22
C THR B 201 2.63 23.76 -9.62
N LYS B 202 3.64 23.58 -10.46
CA LYS B 202 3.44 23.10 -11.82
C LYS B 202 4.12 21.75 -11.99
N GLY B 203 3.33 20.72 -12.29
CA GLY B 203 3.86 19.40 -12.54
C GLY B 203 4.66 19.37 -13.83
N ARG B 204 5.88 18.83 -13.75
CA ARG B 204 6.77 18.74 -14.90
C ARG B 204 7.19 17.29 -15.15
N LEU B 205 7.39 16.94 -16.42
CA LEU B 205 7.93 15.65 -16.79
C LEU B 205 9.39 15.79 -17.20
N VAL B 206 10.25 14.97 -16.61
CA VAL B 206 11.65 14.89 -17.02
C VAL B 206 11.86 13.58 -17.75
N ILE B 207 12.11 13.66 -19.05
CA ILE B 207 12.20 12.47 -19.89
C ILE B 207 13.65 12.01 -19.97
N THR B 208 13.86 10.71 -19.76
CA THR B 208 15.19 10.12 -19.79
C THR B 208 15.24 9.02 -20.84
N GLU B 209 16.38 8.93 -21.54
CA GLU B 209 16.60 7.86 -22.49
C GLU B 209 17.75 6.99 -21.95
N PRO B 210 17.43 5.77 -21.49
CA PRO B 210 18.47 4.92 -20.89
C PRO B 210 19.47 4.38 -21.91
N VAL B 211 20.75 4.37 -21.55
CA VAL B 211 21.77 3.72 -22.36
C VAL B 211 21.44 2.25 -22.55
N GLY B 212 21.53 1.49 -21.47
CA GLY B 212 21.26 0.07 -21.50
C GLY B 212 19.79 -0.21 -21.28
N SER B 213 19.42 -1.49 -21.37
CA SER B 213 18.05 -1.90 -21.10
C SER B 213 17.73 -1.73 -19.62
N VAL B 214 16.45 -1.65 -19.30
CA VAL B 214 16.01 -1.45 -17.93
C VAL B 214 14.94 -2.47 -17.57
N ARG B 215 15.13 -3.15 -16.44
CA ARG B 215 14.14 -4.09 -15.92
C ARG B 215 12.92 -3.31 -15.45
N PRO B 216 11.71 -3.89 -15.60
CA PRO B 216 10.55 -3.23 -15.01
C PRO B 216 10.72 -3.02 -13.51
N LYS B 217 10.47 -1.80 -13.04
CA LYS B 217 10.69 -1.46 -11.65
C LYS B 217 9.49 -0.72 -11.07
N VAL B 218 9.06 -1.16 -9.89
CA VAL B 218 7.96 -0.54 -9.17
C VAL B 218 8.47 -0.05 -7.83
N ASN B 219 8.09 1.17 -7.46
CA ASN B 219 8.47 1.71 -6.17
C ASN B 219 7.79 0.91 -5.05
N PRO B 220 8.52 0.65 -3.94
CA PRO B 220 8.00 -0.23 -2.87
C PRO B 220 6.58 0.09 -2.40
N GLN B 221 6.20 1.37 -2.37
CA GLN B 221 4.89 1.76 -1.89
C GLN B 221 3.80 1.49 -2.93
N ASP B 222 4.21 1.29 -4.18
CA ASP B 222 3.28 1.00 -5.27
C ASP B 222 3.13 -0.51 -5.50
N LYS B 223 3.87 -1.31 -4.75
CA LYS B 223 3.79 -2.76 -4.88
C LYS B 223 2.45 -3.32 -4.40
N HIS B 224 1.89 -2.69 -3.37
CA HIS B 224 0.59 -3.05 -2.83
C HIS B 224 -0.33 -1.84 -2.85
N GLN B 225 -1.56 -2.02 -3.34
CA GLN B 225 -2.53 -0.94 -3.44
C GLN B 225 -3.87 -1.37 -2.87
N PHE B 226 -4.60 -0.41 -2.32
CA PHE B 226 -5.90 -0.67 -1.72
C PHE B 226 -6.90 0.40 -2.17
N ILE B 227 -7.96 -0.05 -2.84
CA ILE B 227 -8.97 0.86 -3.38
C ILE B 227 -10.33 0.56 -2.79
N ASP B 228 -11.03 1.60 -2.35
CA ASP B 228 -12.40 1.49 -1.88
C ASP B 228 -13.29 2.43 -2.68
N VAL B 229 -14.41 1.92 -3.18
CA VAL B 229 -15.30 2.71 -4.02
C VAL B 229 -16.77 2.37 -3.76
N GLU B 230 -17.63 3.37 -3.89
CA GLU B 230 -19.07 3.19 -3.75
C GLU B 230 -19.69 2.58 -5.00
N LEU B 231 -20.82 1.91 -4.83
CA LEU B 231 -21.54 1.29 -5.93
C LEU B 231 -21.89 2.32 -7.01
N ALA B 232 -21.91 1.89 -8.27
CA ALA B 232 -22.30 2.73 -9.40
C ALA B 232 -21.26 3.79 -9.76
N SER B 233 -20.19 3.89 -8.99
CA SER B 233 -19.17 4.92 -9.19
C SER B 233 -17.97 4.37 -9.98
N SER B 234 -17.40 5.21 -10.82
CA SER B 234 -16.25 4.83 -11.64
C SER B 234 -14.94 4.94 -10.86
N TYR B 235 -14.00 4.06 -11.19
CA TYR B 235 -12.70 4.04 -10.52
C TYR B 235 -11.60 3.52 -11.45
N SER B 236 -10.38 3.48 -10.93
CA SER B 236 -9.23 3.02 -11.70
C SER B 236 -8.23 2.27 -10.83
N LEU B 237 -7.53 1.31 -11.44
CA LEU B 237 -6.48 0.55 -10.78
C LEU B 237 -5.15 0.81 -11.48
N LEU B 238 -4.22 1.41 -10.74
CA LEU B 238 -2.92 1.79 -11.29
C LEU B 238 -1.94 0.64 -11.18
N CYS B 239 -1.10 0.49 -12.20
CA CYS B 239 0.10 -0.32 -12.11
C CYS B 239 1.27 0.60 -12.42
N MET B 240 2.08 0.96 -11.41
CA MET B 240 3.08 1.98 -11.63
C MET B 240 4.41 1.28 -11.84
N ALA B 241 4.86 1.29 -13.08
CA ALA B 241 6.05 0.56 -13.48
C ALA B 241 6.68 1.22 -14.69
N GLN B 242 8.00 1.14 -14.78
CA GLN B 242 8.72 1.73 -15.90
C GLN B 242 9.83 0.80 -16.34
N SER B 243 9.98 0.65 -17.66
CA SER B 243 11.02 -0.21 -18.21
C SER B 243 11.45 0.25 -19.60
N TYR B 244 12.70 -0.06 -19.94
CA TYR B 244 13.24 0.18 -21.27
C TYR B 244 13.63 -1.15 -21.95
N PRO B 245 12.97 -1.53 -23.06
CA PRO B 245 11.87 -0.83 -23.75
C PRO B 245 10.58 -0.82 -22.94
N THR B 246 9.55 -0.16 -23.46
CA THR B 246 8.28 -0.04 -22.76
C THR B 246 7.68 -1.41 -22.51
N PRO B 247 7.08 -1.62 -21.33
CA PRO B 247 6.58 -2.96 -21.00
C PRO B 247 5.15 -3.22 -21.45
N SER B 248 4.69 -4.45 -21.20
CA SER B 248 3.30 -4.82 -21.43
C SER B 248 2.65 -5.05 -20.07
N PHE B 249 1.37 -4.71 -19.96
CA PHE B 249 0.63 -4.83 -18.72
C PHE B 249 -0.53 -5.81 -18.86
N ARG B 250 -0.52 -6.84 -18.02
CA ARG B 250 -1.58 -7.85 -18.01
C ARG B 250 -2.29 -7.86 -16.66
N TRP B 251 -3.61 -7.70 -16.68
CA TRP B 251 -4.41 -7.67 -15.46
C TRP B 251 -5.15 -8.98 -15.23
N TYR B 252 -5.12 -9.45 -13.98
CA TYR B 252 -5.79 -10.68 -13.59
C TYR B 252 -6.59 -10.46 -12.31
N LYS B 253 -7.48 -11.40 -12.01
CA LYS B 253 -8.21 -11.40 -10.75
C LYS B 253 -8.14 -12.78 -10.11
N PHE B 254 -7.60 -12.84 -8.90
CA PHE B 254 -7.52 -14.10 -8.17
C PHE B 254 -8.91 -14.65 -7.88
N ILE B 255 -9.04 -15.96 -7.97
CA ILE B 255 -10.24 -16.64 -7.47
C ILE B 255 -10.04 -16.79 -5.96
N GLU B 256 -11.00 -16.28 -5.19
CA GLU B 256 -10.85 -16.18 -3.74
C GLU B 256 -10.49 -17.50 -3.08
N GLY B 257 -9.51 -17.45 -2.18
CA GLY B 257 -9.09 -18.62 -1.44
C GLY B 257 -8.23 -19.57 -2.25
N THR B 258 -7.67 -19.06 -3.35
CA THR B 258 -6.82 -19.87 -4.22
C THR B 258 -5.68 -19.04 -4.80
N THR B 259 -4.67 -19.73 -5.33
CA THR B 259 -3.55 -19.07 -5.99
C THR B 259 -3.85 -18.87 -7.47
N ARG B 260 -4.95 -19.44 -7.95
CA ARG B 260 -5.36 -19.30 -9.33
C ARG B 260 -5.76 -17.86 -9.64
N LYS B 261 -5.65 -17.48 -10.91
CA LYS B 261 -6.10 -16.16 -11.35
C LYS B 261 -6.65 -16.19 -12.77
N GLN B 262 -7.72 -15.43 -13.00
CA GLN B 262 -8.31 -15.31 -14.33
C GLN B 262 -8.03 -13.93 -14.90
N ALA B 263 -7.71 -13.89 -16.20
CA ALA B 263 -7.43 -12.63 -16.87
C ALA B 263 -8.68 -11.76 -16.89
N VAL B 264 -8.49 -10.45 -16.71
CA VAL B 264 -9.60 -9.51 -16.73
C VAL B 264 -10.18 -9.40 -18.13
N VAL B 265 -11.51 -9.35 -18.20
CA VAL B 265 -12.21 -9.23 -19.48
C VAL B 265 -12.49 -7.76 -19.79
N LEU B 266 -11.86 -7.26 -20.85
CA LEU B 266 -12.06 -5.87 -21.25
C LEU B 266 -13.28 -5.74 -22.15
N ASN B 267 -14.10 -4.74 -21.86
CA ASN B 267 -15.34 -4.50 -22.60
C ASN B 267 -15.74 -3.04 -22.49
N ASP B 268 -16.97 -2.72 -22.91
CA ASP B 268 -17.49 -1.36 -22.80
C ASP B 268 -17.31 -0.79 -21.40
N ARG B 269 -17.56 -1.61 -20.38
CA ARG B 269 -17.44 -1.17 -19.00
C ARG B 269 -15.98 -1.13 -18.52
N VAL B 270 -15.24 -2.19 -18.80
CA VAL B 270 -13.85 -2.31 -18.34
C VAL B 270 -12.88 -2.07 -19.49
N LYS B 271 -12.11 -0.99 -19.40
CA LYS B 271 -11.14 -0.63 -20.43
C LYS B 271 -9.76 -0.43 -19.82
N GLN B 272 -8.73 -0.63 -20.64
CA GLN B 272 -7.35 -0.51 -20.19
C GLN B 272 -6.58 0.52 -21.02
N VAL B 273 -5.97 1.47 -20.32
CA VAL B 273 -5.11 2.47 -20.95
C VAL B 273 -3.70 2.27 -20.43
N SER B 274 -2.79 1.88 -21.33
CA SER B 274 -1.43 1.54 -20.94
C SER B 274 -1.48 0.45 -19.85
N GLY B 275 -0.97 0.75 -18.66
CA GLY B 275 -1.02 -0.18 -17.55
C GLY B 275 -2.18 0.08 -16.61
N THR B 276 -2.95 1.12 -16.90
CA THR B 276 -4.04 1.54 -16.02
C THR B 276 -5.35 0.86 -16.42
N LEU B 277 -6.00 0.26 -15.43
CA LEU B 277 -7.31 -0.35 -15.64
C LEU B 277 -8.38 0.65 -15.18
N ILE B 278 -9.29 1.00 -16.09
CA ILE B 278 -10.32 1.99 -15.80
C ILE B 278 -11.71 1.37 -15.92
N ILE B 279 -12.49 1.49 -14.85
CA ILE B 279 -13.80 0.88 -14.78
C ILE B 279 -14.86 1.89 -14.36
N LYS B 280 -16.01 1.84 -15.03
CA LYS B 280 -17.14 2.71 -14.72
C LYS B 280 -18.34 1.87 -14.30
N ASP B 281 -19.23 2.46 -13.52
CA ASP B 281 -20.38 1.75 -12.96
C ASP B 281 -19.90 0.54 -12.16
N ALA B 282 -19.23 0.79 -11.04
CA ALA B 282 -18.72 -0.28 -10.20
C ALA B 282 -19.86 -1.15 -9.67
N VAL B 283 -19.59 -2.45 -9.56
CA VAL B 283 -20.54 -3.41 -9.00
C VAL B 283 -19.88 -4.15 -7.85
N VAL B 284 -20.69 -4.59 -6.90
CA VAL B 284 -20.19 -5.26 -5.70
C VAL B 284 -19.36 -6.49 -6.08
N GLU B 285 -19.67 -7.08 -7.23
CA GLU B 285 -18.99 -8.28 -7.70
C GLU B 285 -17.54 -7.99 -8.06
N ASP B 286 -17.23 -6.73 -8.36
CA ASP B 286 -15.87 -6.34 -8.72
C ASP B 286 -14.92 -6.55 -7.55
N SER B 287 -15.47 -6.57 -6.33
CA SER B 287 -14.66 -6.73 -5.13
C SER B 287 -13.80 -7.99 -5.23
N GLY B 288 -12.55 -7.88 -4.77
CA GLY B 288 -11.63 -8.99 -4.80
C GLY B 288 -10.19 -8.55 -4.81
N LYS B 289 -9.29 -9.49 -5.08
CA LYS B 289 -7.86 -9.21 -5.14
C LYS B 289 -7.39 -9.35 -6.59
N TYR B 290 -6.64 -8.35 -7.06
CA TYR B 290 -6.23 -8.27 -8.46
C TYR B 290 -4.72 -8.29 -8.59
N LEU B 291 -4.23 -8.67 -9.76
CA LEU B 291 -2.80 -8.72 -10.02
C LEU B 291 -2.46 -8.11 -11.39
N CYS B 292 -1.57 -7.12 -11.38
CA CYS B 292 -1.06 -6.53 -12.61
C CYS B 292 0.34 -7.07 -12.87
N VAL B 293 0.50 -7.76 -13.99
CA VAL B 293 1.79 -8.34 -14.37
C VAL B 293 2.45 -7.51 -15.46
N VAL B 294 3.68 -7.08 -15.20
CA VAL B 294 4.42 -6.21 -16.10
C VAL B 294 5.58 -6.97 -16.75
N ASN B 295 5.71 -6.83 -18.07
CA ASN B 295 6.73 -7.57 -18.80
C ASN B 295 7.40 -6.79 -19.92
N ASN B 296 8.72 -6.94 -20.00
CA ASN B 296 9.46 -6.60 -21.20
C ASN B 296 10.42 -7.74 -21.50
N SER B 297 11.27 -7.57 -22.50
CA SER B 297 12.20 -8.62 -22.89
C SER B 297 13.19 -8.92 -21.76
N VAL B 298 13.58 -7.90 -21.01
CA VAL B 298 14.67 -8.02 -20.06
C VAL B 298 14.25 -8.42 -18.63
N GLY B 299 12.95 -8.42 -18.34
CA GLY B 299 12.51 -8.74 -17.00
C GLY B 299 11.01 -8.62 -16.74
N GLY B 300 10.65 -8.68 -15.47
CA GLY B 300 9.26 -8.66 -15.07
C GLY B 300 9.05 -8.07 -13.69
N GLU B 301 7.79 -7.96 -13.29
CA GLU B 301 7.41 -7.33 -12.02
C GLU B 301 5.89 -7.43 -11.87
N SER B 302 5.40 -7.22 -10.66
CA SER B 302 3.97 -7.38 -10.38
C SER B 302 3.44 -6.35 -9.39
N VAL B 303 2.13 -6.14 -9.39
CA VAL B 303 1.47 -5.22 -8.47
C VAL B 303 0.18 -5.86 -7.95
N GLU B 304 0.05 -5.92 -6.63
CA GLU B 304 -1.15 -6.44 -5.98
C GLU B 304 -2.11 -5.31 -5.61
N THR B 305 -3.40 -5.52 -5.90
CA THR B 305 -4.42 -4.52 -5.58
C THR B 305 -5.65 -5.18 -4.96
N VAL B 306 -6.01 -4.72 -3.76
CA VAL B 306 -7.22 -5.19 -3.10
C VAL B 306 -8.34 -4.19 -3.33
N LEU B 307 -9.36 -4.60 -4.09
CA LEU B 307 -10.49 -3.73 -4.40
C LEU B 307 -11.68 -4.09 -3.54
N THR B 308 -12.33 -3.06 -2.99
CA THR B 308 -13.51 -3.24 -2.16
C THR B 308 -14.60 -2.30 -2.61
N VAL B 309 -15.72 -2.87 -3.07
CA VAL B 309 -16.87 -2.09 -3.50
C VAL B 309 -17.96 -2.18 -2.44
N THR B 310 -18.50 -1.02 -2.06
CA THR B 310 -19.53 -0.94 -1.03
C THR B 310 -20.83 -0.45 -1.62
N ALA B 311 -21.94 -0.84 -1.00
CA ALA B 311 -23.27 -0.43 -1.44
C ALA B 311 -24.03 0.22 -0.28
N PRO B 312 -24.84 1.25 -0.58
CA PRO B 312 -25.60 1.91 0.49
C PRO B 312 -26.53 0.96 1.23
N LEU B 313 -26.65 1.12 2.55
CA LEU B 313 -27.51 0.25 3.34
C LEU B 313 -28.96 0.73 3.30
N SER B 314 -29.87 -0.22 3.15
CA SER B 314 -31.30 0.07 3.19
C SER B 314 -32.02 -1.05 3.92
N ALA B 315 -33.13 -0.71 4.56
CA ALA B 315 -33.87 -1.69 5.36
C ALA B 315 -35.37 -1.59 5.15
N LYS B 316 -36.06 -2.72 5.30
CA LYS B 316 -37.50 -2.77 5.18
C LYS B 316 -38.05 -3.89 6.07
N ILE B 317 -39.27 -3.72 6.58
CA ILE B 317 -39.90 -4.72 7.43
C ILE B 317 -41.22 -5.21 6.83
N ASP B 318 -41.35 -6.53 6.74
CA ASP B 318 -42.57 -7.18 6.29
C ASP B 318 -43.23 -7.97 7.45
N PRO B 319 -44.48 -7.65 7.81
CA PRO B 319 -45.37 -6.61 7.28
C PRO B 319 -45.04 -5.22 7.81
N PRO B 320 -45.47 -4.17 7.10
CA PRO B 320 -45.29 -2.80 7.60
C PRO B 320 -46.11 -2.57 8.87
N THR B 321 -47.27 -3.23 8.94
CA THR B 321 -48.08 -3.21 10.15
C THR B 321 -48.91 -4.49 10.24
N GLN B 322 -49.25 -4.90 11.46
CA GLN B 322 -50.09 -6.07 11.66
C GLN B 322 -50.88 -6.01 12.95
N THR B 323 -52.07 -6.62 12.93
CA THR B 323 -52.90 -6.76 14.12
C THR B 323 -53.02 -8.23 14.47
N VAL B 324 -52.64 -8.57 15.69
CA VAL B 324 -52.65 -9.96 16.15
C VAL B 324 -53.49 -10.09 17.42
N ASP B 325 -54.36 -11.10 17.44
CA ASP B 325 -55.21 -11.36 18.59
C ASP B 325 -54.38 -11.79 19.79
N PHE B 326 -54.91 -11.59 20.98
CA PHE B 326 -54.22 -11.98 22.21
C PHE B 326 -53.92 -13.47 22.23
N GLY B 327 -52.65 -13.80 22.49
CA GLY B 327 -52.22 -15.18 22.62
C GLY B 327 -51.60 -15.75 21.36
N ARG B 328 -51.91 -15.16 20.21
CA ARG B 328 -51.35 -15.62 18.95
C ARG B 328 -50.02 -14.94 18.66
N PRO B 329 -49.11 -15.64 17.96
CA PRO B 329 -47.77 -15.08 17.70
C PRO B 329 -47.75 -14.01 16.61
N ALA B 330 -46.77 -13.12 16.70
CA ALA B 330 -46.52 -12.11 15.67
C ALA B 330 -45.12 -12.30 15.11
N VAL B 331 -44.95 -12.05 13.82
CA VAL B 331 -43.67 -12.26 13.14
C VAL B 331 -43.24 -11.00 12.40
N PHE B 332 -41.96 -10.66 12.56
CA PHE B 332 -41.35 -9.55 11.84
C PHE B 332 -40.12 -10.04 11.08
N THR B 333 -40.02 -9.64 9.81
CA THR B 333 -38.89 -10.03 8.97
C THR B 333 -38.22 -8.79 8.42
N CYS B 334 -36.92 -8.65 8.68
CA CYS B 334 -36.16 -7.50 8.22
C CYS B 334 -35.50 -7.78 6.88
N GLN B 335 -35.97 -7.10 5.85
CA GLN B 335 -35.38 -7.18 4.52
C GLN B 335 -34.43 -6.00 4.35
N TYR B 336 -33.20 -6.29 3.95
CA TYR B 336 -32.19 -5.25 3.80
C TYR B 336 -31.25 -5.50 2.63
N THR B 337 -30.61 -4.43 2.17
CA THR B 337 -29.62 -4.50 1.11
C THR B 337 -28.43 -3.64 1.50
N GLY B 338 -27.43 -3.56 0.62
CA GLY B 338 -26.23 -2.80 0.88
C GLY B 338 -25.09 -3.70 1.29
N ASN B 339 -23.87 -3.18 1.23
CA ASN B 339 -22.69 -3.95 1.57
C ASN B 339 -21.62 -3.09 2.26
N PRO B 340 -20.86 -3.67 3.21
CA PRO B 340 -21.07 -4.92 3.95
C PRO B 340 -22.07 -4.72 5.10
N ILE B 341 -22.70 -5.80 5.57
CA ILE B 341 -23.53 -5.75 6.78
C ILE B 341 -22.78 -6.37 7.94
N LYS B 342 -22.34 -5.54 8.89
CA LYS B 342 -21.63 -6.03 10.07
C LYS B 342 -22.53 -6.54 11.19
N THR B 343 -23.62 -5.82 11.48
CA THR B 343 -24.50 -6.17 12.58
C THR B 343 -25.96 -5.88 12.28
N VAL B 344 -26.83 -6.71 12.86
CA VAL B 344 -28.27 -6.47 12.82
C VAL B 344 -28.78 -6.41 14.26
N SER B 345 -29.55 -5.38 14.57
CA SER B 345 -30.08 -5.18 15.92
C SER B 345 -31.50 -4.66 15.85
N TRP B 346 -32.35 -5.12 16.76
CA TRP B 346 -33.73 -4.65 16.77
C TRP B 346 -33.97 -3.61 17.87
N MET B 347 -35.17 -3.05 17.89
CA MET B 347 -35.53 -2.05 18.87
C MET B 347 -37.04 -2.04 19.08
N LYS B 348 -37.49 -1.70 20.29
CA LYS B 348 -38.91 -1.51 20.56
C LYS B 348 -39.14 -0.18 21.24
N ASP B 349 -39.87 0.71 20.57
CA ASP B 349 -40.23 2.02 21.11
C ASP B 349 -38.99 2.78 21.61
N GLY B 350 -37.92 2.73 20.82
CA GLY B 350 -36.72 3.49 21.12
C GLY B 350 -35.77 2.83 22.10
N LYS B 351 -36.03 1.57 22.43
CA LYS B 351 -35.17 0.81 23.34
C LYS B 351 -34.70 -0.49 22.72
N ALA B 352 -33.38 -0.72 22.75
CA ALA B 352 -32.79 -1.92 22.17
C ALA B 352 -33.22 -3.17 22.92
N ILE B 353 -33.74 -4.14 22.19
CA ILE B 353 -34.27 -5.37 22.79
C ILE B 353 -33.27 -6.54 22.79
N GLY B 354 -32.08 -6.34 22.22
CA GLY B 354 -31.04 -7.35 22.23
C GLY B 354 -31.34 -8.62 21.46
N HIS B 355 -31.65 -8.47 20.18
CA HIS B 355 -31.87 -9.60 19.27
C HIS B 355 -31.11 -9.36 17.98
N SER B 356 -30.14 -10.21 17.64
CA SER B 356 -29.58 -10.11 16.30
C SER B 356 -29.93 -11.34 15.51
N GLU B 357 -30.98 -11.18 14.69
CA GLU B 357 -31.31 -12.06 13.57
C GLU B 357 -32.11 -11.22 12.57
N PRO B 358 -32.15 -11.62 11.29
CA PRO B 358 -33.03 -10.90 10.37
C PRO B 358 -34.53 -11.04 10.70
N VAL B 359 -34.89 -12.04 11.50
CA VAL B 359 -36.30 -12.29 11.84
C VAL B 359 -36.55 -12.17 13.35
N LEU B 360 -37.66 -11.51 13.70
CA LEU B 360 -38.10 -11.39 15.08
C LEU B 360 -39.54 -11.88 15.21
N ARG B 361 -39.75 -12.85 16.10
CA ARG B 361 -41.09 -13.40 16.32
C ARG B 361 -41.45 -13.44 17.81
N ILE B 362 -42.63 -12.91 18.12
CA ILE B 362 -43.22 -13.05 19.44
C ILE B 362 -44.11 -14.29 19.43
N GLU B 363 -43.93 -15.18 20.40
CA GLU B 363 -44.69 -16.42 20.44
C GLU B 363 -46.11 -16.17 20.91
N SER B 364 -46.28 -15.32 21.91
CA SER B 364 -47.60 -14.92 22.37
C SER B 364 -47.62 -13.41 22.61
N VAL B 365 -48.48 -12.71 21.88
CA VAL B 365 -48.60 -11.26 22.04
C VAL B 365 -49.34 -10.94 23.33
N LYS B 366 -48.81 -9.96 24.06
CA LYS B 366 -49.46 -9.44 25.26
C LYS B 366 -49.81 -7.98 25.02
N LYS B 367 -50.44 -7.35 26.00
CA LYS B 367 -50.82 -5.95 25.86
C LYS B 367 -49.57 -5.06 25.92
N GLU B 368 -48.49 -5.60 26.45
CA GLU B 368 -47.25 -4.87 26.59
C GLU B 368 -46.48 -4.84 25.26
N ASP B 369 -46.71 -5.86 24.43
CA ASP B 369 -46.01 -5.98 23.16
C ASP B 369 -46.53 -4.99 22.12
N LYS B 370 -47.68 -4.37 22.41
CA LYS B 370 -48.22 -3.33 21.56
C LYS B 370 -47.23 -2.16 21.45
N GLY B 371 -46.93 -1.75 20.22
CA GLY B 371 -46.05 -0.62 20.00
C GLY B 371 -45.28 -0.71 18.69
N MET B 372 -44.25 0.12 18.56
CA MET B 372 -43.45 0.18 17.35
C MET B 372 -42.20 -0.71 17.48
N TYR B 373 -41.84 -1.36 16.38
CA TYR B 373 -40.64 -2.19 16.33
C TYR B 373 -39.73 -1.72 15.19
N GLN B 374 -38.42 -1.89 15.39
CA GLN B 374 -37.43 -1.47 14.40
C GLN B 374 -36.28 -2.45 14.29
N CYS B 375 -35.66 -2.49 13.12
CA CYS B 375 -34.42 -3.24 12.92
C CYS B 375 -33.36 -2.29 12.36
N PHE B 376 -32.11 -2.50 12.76
CA PHE B 376 -31.01 -1.64 12.35
C PHE B 376 -29.87 -2.44 11.74
N VAL B 377 -29.56 -2.14 10.48
CA VAL B 377 -28.36 -2.68 9.84
C VAL B 377 -27.25 -1.64 9.97
N ARG B 378 -26.02 -2.12 10.22
CA ARG B 378 -24.91 -1.21 10.49
C ARG B 378 -23.57 -1.71 9.94
N ASN B 379 -22.69 -0.77 9.66
CA ASN B 379 -21.28 -1.04 9.41
C ASN B 379 -20.46 0.12 10.00
N ASP B 380 -19.16 0.14 9.74
CA ASP B 380 -18.27 1.11 10.37
C ASP B 380 -18.50 2.54 9.89
N GLN B 381 -19.36 2.69 8.88
CA GLN B 381 -19.61 3.97 8.21
C GLN B 381 -21.10 4.31 8.28
N GLU B 382 -21.93 3.44 7.72
CA GLU B 382 -23.34 3.73 7.46
C GLU B 382 -24.29 2.93 8.35
N SER B 383 -25.49 3.46 8.55
CA SER B 383 -26.55 2.74 9.24
C SER B 383 -27.90 3.00 8.55
N ALA B 384 -28.84 2.07 8.71
CA ALA B 384 -30.17 2.22 8.14
C ALA B 384 -31.21 1.55 9.03
N GLU B 385 -32.44 2.06 8.98
CA GLU B 385 -33.51 1.53 9.82
C GLU B 385 -34.77 1.20 9.03
N ALA B 386 -35.64 0.42 9.65
CA ALA B 386 -36.97 0.14 9.11
C ALA B 386 -37.93 -0.01 10.28
N SER B 387 -39.15 0.48 10.12
CA SER B 387 -40.12 0.51 11.21
C SER B 387 -41.40 -0.26 10.88
N ALA B 388 -42.03 -0.81 11.91
CA ALA B 388 -43.31 -1.50 11.77
C ALA B 388 -44.11 -1.37 13.06
N GLU B 389 -45.43 -1.41 12.93
CA GLU B 389 -46.33 -1.28 14.08
C GLU B 389 -47.02 -2.60 14.39
N LEU B 390 -47.27 -2.82 15.68
CA LEU B 390 -48.02 -3.99 16.14
C LEU B 390 -49.23 -3.54 16.94
N LYS B 391 -50.41 -3.99 16.53
CA LYS B 391 -51.65 -3.66 17.24
C LYS B 391 -52.25 -4.92 17.88
N LEU B 392 -53.37 -4.74 18.57
CA LEU B 392 -54.01 -5.83 19.28
C LEU B 392 -55.44 -6.05 18.78
N GLY B 393 -55.80 -7.32 18.59
CA GLY B 393 -57.12 -7.68 18.10
C GLY B 393 -58.01 -8.23 19.21
C1 NAG C . 31.40 5.52 -18.80
C2 NAG C . 32.75 6.08 -19.19
C3 NAG C . 32.82 7.55 -18.79
C4 NAG C . 31.60 8.31 -19.29
C5 NAG C . 30.30 7.56 -18.98
C6 NAG C . 29.09 8.18 -19.64
C7 NAG C . 34.91 4.86 -19.19
C8 NAG C . 35.00 5.18 -20.65
N2 NAG C . 33.81 5.33 -18.56
O3 NAG C . 34.01 8.12 -19.33
O4 NAG C . 31.50 9.56 -18.61
O5 NAG C . 30.38 6.21 -19.46
O6 NAG C . 29.25 8.33 -21.04
O7 NAG C . 35.76 4.21 -18.61
C1 NAG C . 31.71 10.66 -19.49
C2 NAG C . 31.38 11.91 -18.66
C3 NAG C . 31.80 13.18 -19.40
C4 NAG C . 33.27 13.09 -19.78
C5 NAG C . 33.46 11.86 -20.65
C6 NAG C . 34.90 11.66 -21.10
C7 NAG C . 29.48 11.69 -17.12
C8 NAG C . 27.99 11.79 -16.98
N2 NAG C . 29.97 11.95 -18.34
O3 NAG C . 31.57 14.31 -18.56
O4 NAG C . 33.72 14.24 -20.48
O5 NAG C . 33.10 10.70 -19.89
O6 NAG C . 35.77 11.58 -19.99
O7 NAG C . 30.20 11.39 -16.18
C1 BMA C . 34.09 15.37 -19.65
C2 BMA C . 34.69 15.00 -18.26
C3 BMA C . 35.21 16.22 -17.54
C4 BMA C . 36.15 16.99 -18.44
C5 BMA C . 35.37 17.41 -19.68
C6 BMA C . 36.21 18.17 -20.64
O2 BMA C . 35.84 14.15 -18.41
O3 BMA C . 35.85 15.85 -16.32
O4 BMA C . 36.65 18.13 -17.77
O5 BMA C . 34.92 16.24 -20.37
O6 BMA C . 37.01 17.25 -21.33
C1 MAN C . 35.24 16.27 -15.08
C2 MAN C . 35.45 15.15 -14.03
C3 MAN C . 34.27 14.18 -13.99
C4 MAN C . 32.96 14.94 -13.89
C5 MAN C . 32.83 15.86 -15.10
C6 MAN C . 31.56 16.68 -15.09
O2 MAN C . 35.55 15.68 -12.70
O3 MAN C . 34.38 13.27 -12.91
O4 MAN C . 31.87 14.04 -13.87
O5 MAN C . 33.92 16.80 -15.11
O6 MAN C . 31.54 17.47 -16.28
C1 MAN C . 37.48 17.96 -22.48
C2 MAN C . 38.03 17.02 -23.53
C3 MAN C . 38.36 17.85 -24.76
C4 MAN C . 39.22 19.08 -24.43
C5 MAN C . 38.68 19.89 -23.20
C6 MAN C . 37.45 20.76 -23.50
O2 MAN C . 37.08 16.04 -23.95
O3 MAN C . 37.16 18.25 -25.44
O4 MAN C . 40.56 18.66 -24.15
O5 MAN C . 38.35 18.99 -22.14
O6 MAN C . 37.56 21.33 -24.80
C1 NAG D . -8.50 5.19 19.14
C2 NAG D . -9.85 4.88 19.80
C3 NAG D . -10.21 3.42 19.60
C4 NAG D . -10.12 3.04 18.12
C5 NAG D . -8.79 3.49 17.52
C6 NAG D . -8.72 3.31 16.01
C7 NAG D . -10.88 5.66 21.88
C8 NAG D . -10.68 5.94 23.34
N2 NAG D . -9.82 5.21 21.22
O3 NAG D . -11.54 3.20 20.07
O4 NAG D . -10.19 1.62 17.99
O5 NAG D . -8.58 4.89 17.77
O6 NAG D . -9.49 4.28 15.33
O7 NAG D . -11.97 5.85 21.33
C1 NAG D . -11.31 1.26 17.17
C2 NAG D . -11.17 -0.21 16.78
C3 NAG D . -12.36 -0.63 15.92
C4 NAG D . -13.68 -0.28 16.59
C5 NAG D . -13.67 1.20 17.00
C6 NAG D . -14.90 1.59 17.80
C7 NAG D . -8.76 -0.62 16.72
C8 NAG D . -7.56 -0.87 15.84
N2 NAG D . -9.92 -0.46 16.08
O3 NAG D . -12.30 -2.04 15.69
O4 NAG D . -14.75 -0.50 15.68
O5 NAG D . -12.54 1.47 17.83
O6 NAG D . -14.95 2.99 18.03
O7 NAG D . -8.67 -0.57 17.94
C1 BMA D . -15.80 -1.24 16.34
C2 BMA D . -17.15 -0.71 15.82
C3 BMA D . -18.32 -1.60 16.27
C4 BMA D . -18.00 -3.08 15.99
C5 BMA D . -16.71 -3.45 16.71
C6 BMA D . -16.30 -4.90 16.49
O2 BMA D . -17.21 -0.72 14.38
O3 BMA D . -19.55 -1.23 15.64
O4 BMA D . -19.07 -3.89 16.47
O5 BMA D . -15.64 -2.64 16.19
O6 BMA D . -15.16 -5.18 17.30
C1 NAG E . -14.69 30.20 9.79
C2 NAG E . -15.01 31.67 9.74
C3 NAG E . -14.07 32.36 8.77
C4 NAG E . -12.61 32.05 9.11
C5 NAG E . -12.40 30.55 9.33
C6 NAG E . -11.04 30.22 9.90
C7 NAG E . -17.28 32.52 10.18
C8 NAG E . -18.66 32.68 9.64
N2 NAG E . -16.40 31.91 9.37
O3 NAG E . -14.28 33.77 8.82
O4 NAG E . -11.79 32.42 8.02
O5 NAG E . -13.37 30.02 10.24
O6 NAG E . -10.81 30.92 11.13
O7 NAG E . -16.96 32.92 11.30
C1 NAG E . -11.00 33.58 8.36
C2 NAG E . -9.77 33.58 7.47
C3 NAG E . -8.91 34.82 7.75
C4 NAG E . -9.76 36.08 7.67
C5 NAG E . -11.00 35.95 8.55
C6 NAG E . -11.95 37.12 8.41
C7 NAG E . -9.06 31.32 6.84
C8 NAG E . -8.18 30.15 7.19
N2 NAG E . -8.98 32.37 7.65
O3 NAG E . -7.84 34.89 6.83
O4 NAG E . -9.00 37.20 8.09
O5 NAG E . -11.73 34.78 8.17
O6 NAG E . -12.98 37.06 9.39
O7 NAG E . -9.79 31.30 5.86
C1 BMA E . -8.98 38.27 7.12
C2 BMA E . -7.93 39.31 7.58
C3 BMA E . -7.82 40.44 6.55
C4 BMA E . -7.70 39.91 5.11
C5 BMA E . -8.83 38.91 4.83
C6 BMA E . -8.73 38.27 3.45
O2 BMA E . -6.63 38.72 7.66
O3 BMA E . -6.73 41.32 6.85
O4 BMA E . -7.78 40.98 4.19
O5 BMA E . -8.77 37.86 5.80
O6 BMA E . -9.81 37.35 3.31
C1 NAG F . 6.50 -11.64 -16.98
C2 NAG F . 7.28 -12.95 -17.15
C3 NAG F . 6.81 -13.97 -16.11
C4 NAG F . 6.86 -13.36 -14.71
C5 NAG F . 6.17 -12.00 -14.67
C6 NAG F . 6.34 -11.28 -13.35
C7 NAG F . 8.11 -13.94 -19.24
C8 NAG F . 7.73 -14.45 -20.60
N2 NAG F . 7.10 -13.48 -18.49
O3 NAG F . 7.66 -15.11 -16.17
O4 NAG F . 6.17 -14.22 -13.81
O5 NAG F . 6.71 -11.15 -15.68
O6 NAG F . 7.72 -11.14 -13.01
O7 NAG F . 9.27 -13.92 -18.85
C1 NAG F . 7.09 -14.75 -12.85
C2 NAG F . 6.29 -15.03 -11.58
C3 NAG F . 7.17 -15.72 -10.53
C4 NAG F . 7.83 -16.96 -11.14
C5 NAG F . 8.59 -16.57 -12.40
C6 NAG F . 9.21 -17.75 -13.12
C7 NAG F . 4.41 -13.62 -10.86
C8 NAG F . 4.02 -12.28 -10.29
N2 NAG F . 5.73 -13.81 -11.04
O3 NAG F . 6.38 -16.09 -9.42
O4 NAG F . 8.73 -17.53 -10.20
O5 NAG F . 7.68 -15.96 -13.33
O6 NAG F . 8.29 -18.35 -14.03
O7 NAG F . 3.59 -14.47 -11.15
C1 BMA F . 8.49 -18.94 -10.15
C2 BMA F . 9.83 -19.62 -9.82
C3 BMA F . 9.65 -21.11 -9.54
C4 BMA F . 8.46 -21.33 -8.58
C5 BMA F . 7.20 -20.70 -9.16
C6 BMA F . 5.98 -20.91 -8.27
O2 BMA F . 10.40 -19.06 -8.63
O3 BMA F . 10.85 -21.66 -8.99
O4 BMA F . 8.25 -22.73 -8.37
O5 BMA F . 7.43 -19.29 -9.28
O6 BMA F . 6.33 -20.66 -6.91
C1 MAN F . 11.43 -22.67 -9.83
C2 MAN F . 12.66 -23.24 -9.09
C3 MAN F . 13.81 -22.24 -9.16
C4 MAN F . 14.09 -21.81 -10.61
C5 MAN F . 12.80 -21.26 -11.24
C6 MAN F . 12.97 -20.94 -12.72
O2 MAN F . 13.13 -24.44 -9.71
O3 MAN F . 15.01 -22.77 -8.57
O4 MAN F . 15.09 -20.81 -10.64
O5 MAN F . 11.74 -22.23 -11.14
O6 MAN F . 11.83 -20.18 -13.15
C1 MAN F . 5.30 -21.16 -6.04
C2 MAN F . 4.62 -19.99 -5.34
C3 MAN F . 5.56 -19.41 -4.27
C4 MAN F . 6.07 -20.51 -3.32
C5 MAN F . 6.69 -21.67 -4.11
C6 MAN F . 7.02 -22.87 -3.24
O2 MAN F . 3.44 -20.41 -4.63
O3 MAN F . 4.93 -18.37 -3.52
O4 MAN F . 7.06 -19.96 -2.46
O5 MAN F . 5.76 -22.13 -5.13
O6 MAN F . 8.01 -23.66 -3.89
C1 GOL G . 5.13 10.13 11.47
O1 GOL G . 5.61 8.84 11.80
C2 GOL G . 4.40 10.71 12.67
O2 GOL G . 3.36 11.58 12.26
C3 GOL G . 5.41 11.44 13.53
O3 GOL G . 6.37 10.50 13.96
C1 GOL H . 2.47 13.58 9.11
O1 GOL H . 1.19 13.27 8.62
C2 GOL H . 3.01 14.80 8.40
O2 GOL H . 2.11 15.20 7.39
C3 GOL H . 4.36 14.47 7.76
O3 GOL H . 4.96 15.66 7.30
O1 SO4 I . -12.19 22.81 20.27
S SO4 J . 8.17 11.44 21.65
O1 SO4 K . 10.43 11.90 23.65
O2 SO4 L . 7.72 8.45 22.39
O1 SO4 M . 5.96 12.17 23.97
O1 SO4 N . 8.89 12.90 18.84
N1 EPE O . 34.51 -4.41 -30.10
C2 EPE O . 35.82 -4.24 -29.47
C3 EPE O . 36.47 -2.87 -29.73
N4 EPE O . 36.32 -2.38 -31.08
C5 EPE O . 35.01 -2.48 -31.68
C6 EPE O . 34.34 -3.82 -31.44
C7 EPE O . 37.11 -1.20 -31.42
C8 EPE O . 37.34 -1.05 -32.92
O8 EPE O . 38.63 -0.52 -33.17
C9 EPE O . 34.08 -5.83 -30.13
C10 EPE O . 33.15 -6.17 -28.97
S EPE O . 31.87 -7.39 -29.40
O1S EPE O . 30.93 -7.55 -28.29
O2S EPE O . 32.52 -8.67 -29.68
O3S EPE O . 31.12 -6.98 -30.58
N1 EPE P . 30.49 25.39 3.07
C2 EPE P . 29.68 26.31 2.22
C3 EPE P . 29.49 27.76 2.67
N4 EPE P . 30.05 28.16 3.95
C5 EPE P . 30.55 27.20 4.92
C6 EPE P . 30.76 25.77 4.48
C7 EPE P . 29.78 29.53 4.38
C8 EPE P . 29.67 29.71 5.89
O8 EPE P . 29.37 31.04 6.18
C9 EPE P . 29.91 24.02 3.05
C10 EPE P . 30.58 23.03 2.12
S EPE P . 29.70 21.45 2.26
O1S EPE P . 30.37 20.57 3.19
O2S EPE P . 29.54 20.82 0.96
O3S EPE P . 28.38 21.69 2.77
C1 GOL Q . 23.21 -5.10 -28.50
O1 GOL Q . 23.66 -4.84 -29.81
C2 GOL Q . 23.37 -3.84 -27.65
O2 GOL Q . 23.28 -2.70 -28.47
C3 GOL Q . 22.33 -3.76 -26.53
O3 GOL Q . 21.84 -2.45 -26.44
C1 GOL R . 0.06 3.38 -14.77
O1 GOL R . -1.16 2.72 -14.50
C2 GOL R . 0.59 2.95 -16.14
O2 GOL R . -0.24 3.50 -17.13
C3 GOL R . 2.02 3.44 -16.33
O3 GOL R . 2.88 2.84 -15.39
S SO4 S . -12.88 22.96 23.60
O1 SO4 T . -13.25 19.89 24.46
O2 SO4 U . -14.65 21.49 21.74
O1 SO4 V . -15.52 24.15 24.66
S SO4 W . -20.51 28.73 23.90
O1 SO4 X . -18.08 29.00 26.00
O2 SO4 Y . -21.09 25.67 24.07
O1 SO4 Z . -23.20 29.38 25.67
O1 SO4 AA . -20.24 30.06 21.05
#